data_7D6A
#
_entry.id   7D6A
#
_cell.length_a   52.134
_cell.length_b   83.759
_cell.length_c   207.649
_cell.angle_alpha   90.000
_cell.angle_beta   90.000
_cell.angle_gamma   90.000
#
_symmetry.space_group_name_H-M   'P 21 21 21'
#
loop_
_entity.id
_entity.type
_entity.pdbx_description
1 polymer 'Beta-glucosidase 18'
2 non-polymer '2-(N-MORPHOLINO)-ETHANESULFONIC ACID'
3 non-polymer GLYCEROL
4 non-polymer 'ZINC ION'
5 water water
#
_entity_poly.entity_id   1
_entity_poly.type   'polypeptide(L)'
_entity_poly.pdbx_seq_one_letter_code
;AMAIHRSDFPASFLFGTATSSYQIEGAYLEGNKSLSNWDVFTHLPGNIKDGSNGDIADDHYHRYEEDVELMNSLGVNAYR
FSISWSRILPKGRFGGVNPAGIDFYNKLIDSILLKGIQPFVTLTHYDIPQELEDRYGAWLNAEIQSDFGHFADVCFGAFG
DRVKYWTTFNEPNVAVRHGYMLGTYPPSRCSPPFGHCARGGDSHAEPYVAAHNVILSHATAIEIYKRKYQSKQRGMIGMV
LYSTWYEPLRDVPEDRLATERALAFETPWFLDPLVYGDYPPEMRQILGGRLPSFSPEDRRKLRYKLDFIGVNHYTTLYAR
DCMFSDCPQGQETQHALAAVTGESNGLPIGTPTAMPTFYVVPDGIEKMVKYFMRRYNNLPMFITENGYAQGGDSYTDAED
WIDDEDRIEYLEGYLTKLAKVIRDGADVRGYFAWSVVDNFEWLFGYTLRFGLYYIDYRTQERSPKLSALWYKEFLQNLHE
NQ
;
_entity_poly.pdbx_strand_id   A,B
#
loop_
_chem_comp.id
_chem_comp.type
_chem_comp.name
_chem_comp.formula
GOL non-polymer GLYCEROL 'C3 H8 O3'
MES non-polymer '2-(N-MORPHOLINO)-ETHANESULFONIC ACID' 'C6 H13 N O4 S'
ZN non-polymer 'ZINC ION' 'Zn 2'
#
# COMPACT_ATOMS: atom_id res chain seq x y z
N ALA A 3 -7.67 -6.49 -37.54
CA ALA A 3 -8.98 -6.65 -38.25
C ALA A 3 -10.05 -5.68 -37.74
N ILE A 4 -10.20 -5.61 -36.42
CA ILE A 4 -11.20 -4.75 -35.78
C ILE A 4 -10.53 -3.50 -35.23
N HIS A 5 -11.24 -2.38 -35.26
CA HIS A 5 -10.70 -1.09 -34.81
C HIS A 5 -11.69 -0.33 -33.93
N ARG A 6 -11.18 0.67 -33.21
CA ARG A 6 -12.04 1.45 -32.30
C ARG A 6 -13.13 2.23 -33.02
N SER A 7 -12.82 2.74 -34.22
CA SER A 7 -13.80 3.44 -35.06
C SER A 7 -14.96 2.56 -35.53
N ASP A 8 -14.81 1.24 -35.44
CA ASP A 8 -15.92 0.31 -35.70
C ASP A 8 -16.98 0.29 -34.58
N PHE A 9 -16.72 0.99 -33.48
CA PHE A 9 -17.67 1.15 -32.38
C PHE A 9 -18.13 2.61 -32.28
N PRO A 10 -19.27 2.86 -31.61
CA PRO A 10 -19.71 4.24 -31.37
C PRO A 10 -18.69 5.10 -30.63
N ALA A 11 -18.70 6.40 -30.91
CA ALA A 11 -17.77 7.35 -30.28
C ALA A 11 -17.85 7.40 -28.76
N SER A 12 -19.05 7.27 -28.21
CA SER A 12 -19.28 7.37 -26.75
C SER A 12 -19.08 6.06 -25.94
N PHE A 13 -18.68 4.99 -26.63
CA PHE A 13 -18.58 3.63 -26.08
C PHE A 13 -17.56 3.58 -24.94
N LEU A 14 -17.86 2.81 -23.90
CA LEU A 14 -16.89 2.59 -22.82
C LEU A 14 -15.97 1.44 -23.18
N PHE A 15 -14.66 1.67 -23.05
CA PHE A 15 -13.68 0.60 -23.16
C PHE A 15 -12.86 0.60 -21.88
N GLY A 16 -12.88 -0.54 -21.18
CA GLY A 16 -12.15 -0.65 -19.94
C GLY A 16 -11.64 -2.04 -19.66
N THR A 17 -11.30 -2.23 -18.39
CA THR A 17 -10.98 -3.54 -17.84
C THR A 17 -11.80 -3.72 -16.57
N ALA A 18 -11.85 -4.95 -16.08
CA ALA A 18 -12.68 -5.32 -14.93
C ALA A 18 -11.88 -6.11 -13.93
N THR A 19 -12.16 -5.88 -12.64
CA THR A 19 -11.61 -6.62 -11.53
C THR A 19 -12.71 -6.81 -10.46
N SER A 20 -12.38 -7.50 -9.37
CA SER A 20 -13.23 -7.50 -8.16
C SER A 20 -12.36 -7.38 -6.92
N SER A 21 -12.97 -6.95 -5.82
CA SER A 21 -12.21 -6.61 -4.60
C SER A 21 -11.42 -7.79 -4.01
N TYR A 22 -12.09 -8.92 -3.79
CA TYR A 22 -11.42 -10.08 -3.22
C TYR A 22 -10.30 -10.58 -4.12
N GLN A 23 -10.48 -10.47 -5.43
CA GLN A 23 -9.53 -11.07 -6.35
C GLN A 23 -8.21 -10.29 -6.46
N ILE A 24 -8.22 -9.00 -6.13
CA ILE A 24 -7.02 -8.15 -6.31
C ILE A 24 -6.48 -7.43 -5.08
N GLU A 25 -7.34 -7.13 -4.10
CA GLU A 25 -6.94 -6.12 -3.09
C GLU A 25 -5.87 -6.52 -2.10
N GLY A 26 -5.96 -7.74 -1.57
CA GLY A 26 -5.19 -8.12 -0.39
C GLY A 26 -5.56 -7.27 0.80
N ALA A 27 -4.59 -7.05 1.68
CA ALA A 27 -4.78 -6.24 2.88
C ALA A 27 -6.07 -6.65 3.59
N TYR A 28 -6.22 -7.95 3.76
CA TYR A 28 -7.53 -8.52 4.13
C TYR A 28 -7.97 -8.21 5.55
N LEU A 29 -7.05 -7.79 6.40
CA LEU A 29 -7.42 -7.34 7.75
C LEU A 29 -6.99 -5.92 8.06
N GLU A 30 -6.64 -5.14 7.04
CA GLU A 30 -6.25 -3.75 7.22
C GLU A 30 -7.43 -2.79 7.21
N GLY A 31 -7.21 -1.63 7.81
CA GLY A 31 -8.19 -0.56 7.80
C GLY A 31 -9.53 -0.89 8.44
N ASN A 32 -9.48 -1.65 9.52
CA ASN A 32 -10.65 -2.11 10.28
C ASN A 32 -11.62 -2.99 9.47
N LYS A 33 -11.14 -3.58 8.38
CA LYS A 33 -11.97 -4.47 7.56
C LYS A 33 -12.24 -5.76 8.34
N SER A 34 -13.46 -6.27 8.25
CA SER A 34 -13.81 -7.54 8.90
C SER A 34 -13.53 -8.70 7.95
N LEU A 35 -13.55 -9.91 8.49
CA LEU A 35 -13.43 -11.11 7.65
C LEU A 35 -14.66 -11.28 6.77
N SER A 36 -14.44 -11.55 5.50
CA SER A 36 -15.51 -11.90 4.59
C SER A 36 -15.74 -13.40 4.54
N ASN A 37 -16.84 -13.77 3.89
CA ASN A 37 -17.06 -15.17 3.52
C ASN A 37 -15.86 -15.82 2.82
N TRP A 38 -15.21 -15.10 1.90
CA TRP A 38 -14.08 -15.68 1.15
C TRP A 38 -12.79 -15.70 1.97
N ASP A 39 -12.59 -14.74 2.87
CA ASP A 39 -11.48 -14.81 3.84
C ASP A 39 -11.60 -16.10 4.66
N VAL A 40 -12.80 -16.39 5.15
CA VAL A 40 -12.99 -17.58 6.00
C VAL A 40 -12.86 -18.84 5.16
N PHE A 41 -13.50 -18.84 4.01
CA PHE A 41 -13.52 -19.99 3.10
C PHE A 41 -12.13 -20.42 2.66
N THR A 42 -11.31 -19.46 2.23
CA THR A 42 -9.98 -19.80 1.69
C THR A 42 -8.99 -20.24 2.75
N HIS A 43 -9.30 -20.01 4.03
CA HIS A 43 -8.48 -20.49 5.13
C HIS A 43 -8.88 -21.89 5.62
N LEU A 44 -9.89 -22.47 4.97
CA LEU A 44 -10.25 -23.88 5.18
C LEU A 44 -9.60 -24.73 4.09
N PRO A 45 -9.29 -26.00 4.40
CA PRO A 45 -8.68 -26.87 3.39
C PRO A 45 -9.67 -27.44 2.39
N GLY A 46 -9.16 -27.88 1.23
CA GLY A 46 -9.92 -28.66 0.28
C GLY A 46 -10.85 -27.90 -0.65
N ASN A 47 -10.60 -26.60 -0.87
CA ASN A 47 -11.46 -25.82 -1.79
CA ASN A 47 -11.45 -25.77 -1.74
C ASN A 47 -10.65 -25.22 -2.92
N ILE A 48 -9.62 -24.46 -2.61
CA ILE A 48 -8.83 -23.82 -3.66
C ILE A 48 -7.81 -24.79 -4.23
N LYS A 49 -7.74 -24.87 -5.56
CA LYS A 49 -6.93 -25.88 -6.28
C LYS A 49 -5.46 -25.91 -5.90
N ASP A 50 -4.88 -24.73 -5.69
CA ASP A 50 -3.47 -24.58 -5.31
C ASP A 50 -3.27 -24.23 -3.83
N GLY A 51 -4.33 -24.37 -3.03
CA GLY A 51 -4.31 -24.04 -1.61
C GLY A 51 -4.01 -22.59 -1.29
N SER A 52 -4.27 -21.68 -2.23
CA SER A 52 -3.94 -20.26 -2.06
C SER A 52 -5.14 -19.52 -1.47
N ASN A 53 -4.94 -18.24 -1.20
CA ASN A 53 -6.03 -17.37 -0.72
C ASN A 53 -5.84 -15.97 -1.26
N GLY A 54 -6.78 -15.09 -0.95
CA GLY A 54 -6.70 -13.68 -1.30
C GLY A 54 -6.17 -12.77 -0.21
N ASP A 55 -5.41 -13.30 0.75
CA ASP A 55 -4.88 -12.45 1.84
C ASP A 55 -4.05 -11.30 1.26
N ILE A 56 -3.29 -11.59 0.22
CA ILE A 56 -2.42 -10.61 -0.43
C ILE A 56 -2.83 -10.32 -1.86
N ALA A 57 -3.09 -11.37 -2.64
CA ALA A 57 -3.57 -11.23 -4.01
C ALA A 57 -2.60 -10.34 -4.81
N ASP A 58 -3.11 -9.30 -5.50
CA ASP A 58 -2.25 -8.36 -6.22
C ASP A 58 -1.79 -7.17 -5.38
N ASP A 59 -2.11 -7.19 -4.09
CA ASP A 59 -1.79 -6.08 -3.19
C ASP A 59 -2.27 -4.72 -3.73
N HIS A 60 -3.43 -4.74 -4.39
CA HIS A 60 -3.97 -3.55 -5.02
C HIS A 60 -4.37 -2.49 -4.00
N TYR A 61 -4.67 -2.92 -2.77
CA TYR A 61 -4.91 -1.97 -1.68
C TYR A 61 -3.77 -0.96 -1.51
N HIS A 62 -2.54 -1.42 -1.69
CA HIS A 62 -1.36 -0.54 -1.63
C HIS A 62 -0.90 -0.05 -2.99
N ARG A 63 -1.12 -0.84 -4.04
CA ARG A 63 -0.54 -0.57 -5.36
C ARG A 63 -1.52 -0.01 -6.40
N TYR A 64 -2.70 0.41 -5.96
CA TYR A 64 -3.75 0.89 -6.88
C TYR A 64 -3.26 2.01 -7.81
N GLU A 65 -2.39 2.91 -7.34
CA GLU A 65 -1.99 4.03 -8.17
C GLU A 65 -1.20 3.56 -9.40
N GLU A 66 -0.31 2.59 -9.18
CA GLU A 66 0.40 1.93 -10.28
C GLU A 66 -0.57 1.27 -11.28
N ASP A 67 -1.56 0.55 -10.74
CA ASP A 67 -2.54 -0.14 -11.59
C ASP A 67 -3.39 0.85 -12.38
N VAL A 68 -3.76 1.96 -11.76
CA VAL A 68 -4.45 3.04 -12.47
C VAL A 68 -3.57 3.64 -13.59
N GLU A 69 -2.28 3.80 -13.29
CA GLU A 69 -1.34 4.30 -14.30
C GLU A 69 -1.23 3.34 -15.48
N LEU A 70 -1.23 2.04 -15.20
CA LEU A 70 -1.15 1.03 -16.24
C LEU A 70 -2.39 1.05 -17.13
N MET A 71 -3.57 1.05 -16.53
CA MET A 71 -4.77 1.08 -17.37
C MET A 71 -4.85 2.41 -18.15
N ASN A 72 -4.39 3.50 -17.55
CA ASN A 72 -4.31 4.78 -18.27
C ASN A 72 -3.38 4.73 -19.47
N SER A 73 -2.26 4.02 -19.34
CA SER A 73 -1.32 3.82 -20.45
C SER A 73 -1.92 3.02 -21.61
N LEU A 74 -2.92 2.18 -21.33
CA LEU A 74 -3.65 1.46 -22.38
C LEU A 74 -4.64 2.36 -23.14
N GLY A 75 -5.05 3.47 -22.54
CA GLY A 75 -6.03 4.37 -23.14
C GLY A 75 -7.48 4.01 -22.86
N VAL A 76 -7.74 3.32 -21.75
CA VAL A 76 -9.11 3.02 -21.34
C VAL A 76 -9.81 4.31 -20.93
N ASN A 77 -11.14 4.34 -21.08
CA ASN A 77 -11.95 5.45 -20.57
C ASN A 77 -12.88 5.02 -19.42
N ALA A 78 -12.74 3.78 -18.94
CA ALA A 78 -13.56 3.31 -17.83
C ALA A 78 -12.85 2.19 -17.10
N TYR A 79 -13.22 1.98 -15.85
CA TYR A 79 -12.65 0.91 -15.04
C TYR A 79 -13.74 0.30 -14.19
N ARG A 80 -13.95 -1.01 -14.36
CA ARG A 80 -14.95 -1.77 -13.61
C ARG A 80 -14.29 -2.48 -12.43
N PHE A 81 -14.77 -2.19 -11.23
CA PHE A 81 -14.21 -2.74 -9.99
C PHE A 81 -15.33 -2.91 -8.99
N SER A 82 -15.08 -3.62 -7.90
CA SER A 82 -16.10 -3.81 -6.87
C SER A 82 -15.66 -3.25 -5.52
N ILE A 83 -16.65 -2.97 -4.68
CA ILE A 83 -16.44 -2.46 -3.33
C ILE A 83 -16.56 -3.59 -2.32
N SER A 84 -15.54 -3.74 -1.47
CA SER A 84 -15.56 -4.72 -0.41
C SER A 84 -16.55 -4.31 0.68
N TRP A 85 -17.66 -5.04 0.78
CA TRP A 85 -18.69 -4.79 1.81
C TRP A 85 -18.05 -4.75 3.20
N SER A 86 -17.16 -5.70 3.47
CA SER A 86 -16.46 -5.81 4.74
C SER A 86 -15.56 -4.62 5.09
N ARG A 87 -15.18 -3.80 4.10
CA ARG A 87 -14.45 -2.55 4.33
C ARG A 87 -15.37 -1.39 4.69
N ILE A 88 -16.60 -1.40 4.17
CA ILE A 88 -17.52 -0.27 4.32
C ILE A 88 -18.38 -0.40 5.58
N LEU A 89 -18.99 -1.57 5.74
CA LEU A 89 -19.82 -1.89 6.91
C LEU A 89 -19.33 -3.21 7.47
N PRO A 90 -18.20 -3.18 8.22
CA PRO A 90 -17.55 -4.42 8.67
C PRO A 90 -18.46 -5.35 9.46
N LYS A 91 -19.40 -4.78 10.21
CA LYS A 91 -20.35 -5.56 11.00
C LYS A 91 -21.80 -5.42 10.52
N GLY A 92 -21.98 -5.06 9.25
CA GLY A 92 -23.32 -4.84 8.71
C GLY A 92 -23.97 -3.56 9.23
N ARG A 93 -25.28 -3.48 9.04
CA ARG A 93 -25.94 -2.17 9.02
C ARG A 93 -26.08 -1.47 10.38
N PHE A 94 -25.96 -2.24 11.46
CA PHE A 94 -25.99 -1.68 12.81
C PHE A 94 -24.60 -1.41 13.41
N GLY A 95 -23.53 -1.72 12.66
CA GLY A 95 -22.16 -1.63 13.17
C GLY A 95 -21.37 -0.37 12.80
N GLY A 96 -21.99 0.58 12.12
CA GLY A 96 -21.35 1.84 11.78
C GLY A 96 -20.49 1.76 10.52
N VAL A 97 -20.44 2.86 9.79
CA VAL A 97 -19.67 2.97 8.56
C VAL A 97 -18.18 3.11 8.91
N ASN A 98 -17.34 2.40 8.18
CA ASN A 98 -15.91 2.37 8.46
C ASN A 98 -15.21 3.46 7.65
N PRO A 99 -14.76 4.55 8.32
CA PRO A 99 -14.17 5.65 7.53
C PRO A 99 -12.95 5.25 6.69
N ALA A 100 -12.16 4.29 7.14
CA ALA A 100 -10.99 3.88 6.37
C ALA A 100 -11.37 3.22 5.04
N GLY A 101 -12.48 2.47 5.04
CA GLY A 101 -13.02 1.88 3.81
C GLY A 101 -13.50 2.95 2.84
N ILE A 102 -14.25 3.92 3.37
CA ILE A 102 -14.73 5.06 2.57
C ILE A 102 -13.53 5.79 1.95
N ASP A 103 -12.49 6.02 2.76
CA ASP A 103 -11.28 6.73 2.28
C ASP A 103 -10.56 6.00 1.16
N PHE A 104 -10.45 4.68 1.29
CA PHE A 104 -9.80 3.88 0.25
C PHE A 104 -10.50 4.03 -1.10
N TYR A 105 -11.82 3.81 -1.13
CA TYR A 105 -12.54 3.89 -2.39
C TYR A 105 -12.65 5.33 -2.93
N ASN A 106 -12.73 6.33 -2.05
CA ASN A 106 -12.67 7.74 -2.51
C ASN A 106 -11.37 8.02 -3.24
N LYS A 107 -10.27 7.59 -2.66
CA LYS A 107 -8.96 7.77 -3.25
C LYS A 107 -8.85 7.05 -4.61
N LEU A 108 -9.32 5.82 -4.67
CA LEU A 108 -9.33 5.07 -5.94
C LEU A 108 -10.15 5.77 -7.03
N ILE A 109 -11.37 6.15 -6.69
CA ILE A 109 -12.27 6.86 -7.59
C ILE A 109 -11.63 8.17 -8.07
N ASP A 110 -11.07 8.93 -7.15
CA ASP A 110 -10.43 10.22 -7.51
C ASP A 110 -9.26 10.01 -8.45
N SER A 111 -8.48 8.94 -8.21
CA SER A 111 -7.32 8.63 -9.03
C SER A 111 -7.71 8.26 -10.45
N ILE A 112 -8.76 7.47 -10.63
CA ILE A 112 -9.17 7.12 -12.02
C ILE A 112 -9.79 8.31 -12.74
N LEU A 113 -10.59 9.11 -12.03
CA LEU A 113 -11.22 10.29 -12.65
C LEU A 113 -10.19 11.36 -13.02
N LEU A 114 -9.12 11.50 -12.23
CA LEU A 114 -8.03 12.39 -12.61
C LEU A 114 -7.46 12.08 -14.02
N LYS A 115 -7.48 10.80 -14.39
CA LYS A 115 -7.03 10.32 -15.70
C LYS A 115 -8.12 10.27 -16.79
N GLY A 116 -9.34 10.70 -16.48
CA GLY A 116 -10.44 10.66 -17.42
C GLY A 116 -11.03 9.26 -17.54
N ILE A 117 -10.86 8.43 -16.51
CA ILE A 117 -11.36 7.06 -16.53
C ILE A 117 -12.59 7.00 -15.63
N GLN A 118 -13.71 6.58 -16.20
CA GLN A 118 -14.99 6.58 -15.51
C GLN A 118 -15.14 5.33 -14.63
N PRO A 119 -15.55 5.51 -13.37
CA PRO A 119 -15.87 4.36 -12.53
C PRO A 119 -17.09 3.59 -13.02
N PHE A 120 -17.00 2.26 -13.00
CA PHE A 120 -18.13 1.39 -13.31
C PHE A 120 -18.19 0.34 -12.18
N VAL A 121 -18.98 0.63 -11.16
CA VAL A 121 -18.77 0.06 -9.83
C VAL A 121 -19.76 -1.05 -9.49
N THR A 122 -19.25 -2.20 -9.09
CA THR A 122 -20.05 -3.31 -8.60
C THR A 122 -20.13 -3.21 -7.10
N LEU A 123 -21.34 -3.22 -6.55
CA LEU A 123 -21.52 -3.23 -5.09
C LEU A 123 -21.05 -4.56 -4.47
N THR A 124 -21.58 -5.67 -4.96
CA THR A 124 -21.21 -6.99 -4.45
C THR A 124 -20.78 -7.93 -5.56
N HIS A 125 -19.63 -8.58 -5.35
CA HIS A 125 -19.03 -9.49 -6.31
C HIS A 125 -18.54 -10.72 -5.53
N TYR A 126 -19.51 -11.56 -5.17
CA TYR A 126 -19.34 -12.81 -4.39
C TYR A 126 -19.11 -12.67 -2.89
N ASP A 127 -18.72 -11.49 -2.43
CA ASP A 127 -18.28 -11.28 -1.06
C ASP A 127 -19.40 -10.74 -0.17
N ILE A 128 -19.36 -11.15 1.09
CA ILE A 128 -20.18 -10.56 2.16
C ILE A 128 -19.35 -10.61 3.43
N PRO A 129 -19.62 -9.72 4.40
CA PRO A 129 -19.00 -9.92 5.71
C PRO A 129 -19.46 -11.25 6.31
N GLN A 130 -18.53 -12.02 6.85
CA GLN A 130 -18.85 -13.32 7.42
C GLN A 130 -19.93 -13.18 8.48
N GLU A 131 -19.92 -12.05 9.19
CA GLU A 131 -20.90 -11.82 10.23
C GLU A 131 -22.35 -11.99 9.77
N LEU A 132 -22.67 -11.59 8.55
CA LEU A 132 -24.04 -11.72 8.04
C LEU A 132 -24.45 -13.18 7.85
N GLU A 133 -23.49 -14.02 7.42
CA GLU A 133 -23.68 -15.46 7.38
C GLU A 133 -23.89 -16.00 8.78
N ASP A 134 -23.01 -15.61 9.69
CA ASP A 134 -23.07 -16.08 11.09
C ASP A 134 -24.36 -15.67 11.80
N ARG A 135 -24.79 -14.43 11.59
CA ARG A 135 -25.93 -13.88 12.32
C ARG A 135 -27.26 -14.50 11.90
N TYR A 136 -27.52 -14.52 10.60
CA TYR A 136 -28.84 -14.96 10.11
C TYR A 136 -28.84 -15.79 8.82
N GLY A 137 -27.69 -16.31 8.42
CA GLY A 137 -27.56 -17.14 7.23
C GLY A 137 -27.63 -16.37 5.92
N ALA A 138 -27.20 -15.11 5.95
CA ALA A 138 -27.04 -14.28 4.75
C ALA A 138 -28.22 -14.38 3.77
N TRP A 139 -28.02 -14.95 2.57
CA TRP A 139 -29.00 -14.92 1.49
C TRP A 139 -30.23 -15.80 1.75
N LEU A 140 -30.21 -16.61 2.79
CA LEU A 140 -31.39 -17.42 3.17
C LEU A 140 -32.38 -16.69 4.06
N ASN A 141 -32.09 -15.46 4.45
CA ASN A 141 -32.99 -14.65 5.28
C ASN A 141 -33.26 -13.31 4.61
N ALA A 142 -34.52 -12.90 4.56
CA ALA A 142 -34.92 -11.61 3.98
C ALA A 142 -34.25 -10.38 4.63
N GLU A 143 -33.74 -10.52 5.85
CA GLU A 143 -32.95 -9.46 6.51
C GLU A 143 -31.78 -8.96 5.64
N ILE A 144 -31.21 -9.84 4.82
CA ILE A 144 -30.13 -9.44 3.92
C ILE A 144 -30.54 -8.28 3.00
N GLN A 145 -31.82 -8.17 2.66
CA GLN A 145 -32.31 -7.09 1.80
C GLN A 145 -32.05 -5.73 2.44
N SER A 146 -32.25 -5.65 3.76
CA SER A 146 -32.02 -4.41 4.50
C SER A 146 -30.53 -4.13 4.68
N ASP A 147 -29.75 -5.17 4.93
CA ASP A 147 -28.28 -5.00 5.00
C ASP A 147 -27.72 -4.54 3.65
N PHE A 148 -28.12 -5.18 2.57
CA PHE A 148 -27.68 -4.75 1.25
C PHE A 148 -28.18 -3.34 0.90
N GLY A 149 -29.45 -3.05 1.20
CA GLY A 149 -29.99 -1.72 0.97
C GLY A 149 -29.19 -0.63 1.67
N HIS A 150 -28.82 -0.88 2.91
CA HIS A 150 -28.02 0.07 3.70
C HIS A 150 -26.62 0.25 3.13
N PHE A 151 -25.99 -0.87 2.78
CA PHE A 151 -24.69 -0.85 2.10
C PHE A 151 -24.76 -0.04 0.79
N ALA A 152 -25.78 -0.29 -0.04
CA ALA A 152 -25.99 0.50 -1.25
C ALA A 152 -26.14 2.00 -0.96
N ASP A 153 -27.00 2.30 -0.01
CA ASP A 153 -27.30 3.68 0.40
C ASP A 153 -26.02 4.43 0.83
N VAL A 154 -25.22 3.77 1.64
CA VAL A 154 -23.92 4.34 2.07
C VAL A 154 -23.00 4.62 0.88
N CYS A 155 -22.87 3.63 -0.02
CA CYS A 155 -22.02 3.80 -1.20
C CYS A 155 -22.51 4.89 -2.15
N PHE A 156 -23.83 4.94 -2.39
CA PHE A 156 -24.41 5.99 -3.22
C PHE A 156 -24.13 7.38 -2.63
N GLY A 157 -24.36 7.51 -1.33
CA GLY A 157 -24.13 8.78 -0.63
C GLY A 157 -22.68 9.21 -0.60
N ALA A 158 -21.78 8.25 -0.40
CA ALA A 158 -20.36 8.54 -0.28
C ALA A 158 -19.70 8.80 -1.64
N PHE A 159 -20.08 8.03 -2.66
CA PHE A 159 -19.35 8.00 -3.93
C PHE A 159 -20.12 8.45 -5.16
N GLY A 160 -21.45 8.54 -5.06
CA GLY A 160 -22.29 8.67 -6.24
C GLY A 160 -22.22 10.02 -6.93
N ASP A 161 -21.65 11.03 -6.27
CA ASP A 161 -21.34 12.31 -6.95
C ASP A 161 -20.32 12.14 -8.09
N ARG A 162 -19.50 11.08 -7.99
CA ARG A 162 -18.48 10.75 -8.98
C ARG A 162 -18.70 9.41 -9.73
N VAL A 163 -19.57 8.55 -9.23
CA VAL A 163 -19.87 7.28 -9.88
C VAL A 163 -21.20 7.40 -10.60
N LYS A 164 -21.20 7.16 -11.91
CA LYS A 164 -22.41 7.26 -12.73
C LYS A 164 -22.90 5.91 -13.28
N TYR A 165 -22.16 4.83 -13.02
CA TYR A 165 -22.59 3.49 -13.38
C TYR A 165 -22.40 2.58 -12.18
N TRP A 166 -23.49 1.95 -11.75
CA TRP A 166 -23.47 1.00 -10.65
C TRP A 166 -24.05 -0.35 -11.07
N THR A 167 -23.43 -1.41 -10.56
CA THR A 167 -23.97 -2.77 -10.64
C THR A 167 -24.27 -3.24 -9.20
N THR A 168 -25.47 -3.76 -8.97
CA THR A 168 -25.81 -4.29 -7.65
C THR A 168 -25.03 -5.57 -7.35
N PHE A 169 -25.18 -6.57 -8.23
CA PHE A 169 -24.56 -7.89 -8.07
C PHE A 169 -23.84 -8.36 -9.32
N ASN A 170 -22.74 -9.08 -9.10
CA ASN A 170 -21.99 -9.75 -10.16
C ASN A 170 -22.27 -11.25 -10.13
N GLU A 171 -22.77 -11.76 -11.26
CA GLU A 171 -23.02 -13.19 -11.47
C GLU A 171 -23.69 -13.91 -10.30
N PRO A 172 -24.81 -13.37 -9.80
CA PRO A 172 -25.51 -14.10 -8.75
C PRO A 172 -26.01 -15.48 -9.21
N ASN A 173 -26.24 -15.67 -10.51
CA ASN A 173 -26.56 -17.00 -11.03
C ASN A 173 -25.45 -18.04 -10.71
N VAL A 174 -24.20 -17.62 -10.83
CA VAL A 174 -23.06 -18.48 -10.47
C VAL A 174 -22.92 -18.63 -8.96
N ALA A 175 -22.89 -17.51 -8.24
CA ALA A 175 -22.62 -17.54 -6.80
C ALA A 175 -23.70 -18.29 -6.06
N VAL A 176 -24.96 -18.13 -6.47
CA VAL A 176 -26.07 -18.84 -5.80
C VAL A 176 -25.98 -20.34 -6.06
N ARG A 177 -25.85 -20.77 -7.32
CA ARG A 177 -25.81 -22.21 -7.58
C ARG A 177 -24.57 -22.88 -6.98
N HIS A 178 -23.41 -22.23 -7.06
CA HIS A 178 -22.23 -22.78 -6.42
C HIS A 178 -22.38 -22.83 -4.90
N GLY A 179 -22.99 -21.79 -4.32
CA GLY A 179 -23.11 -21.65 -2.86
C GLY A 179 -24.12 -22.57 -2.20
N TYR A 180 -25.26 -22.77 -2.87
CA TYR A 180 -26.42 -23.44 -2.29
C TYR A 180 -26.89 -24.70 -3.04
N MET A 181 -26.39 -24.95 -4.26
CA MET A 181 -26.84 -26.10 -5.05
C MET A 181 -25.72 -27.13 -5.12
N LEU A 182 -24.55 -26.72 -5.61
CA LEU A 182 -23.37 -27.57 -5.60
C LEU A 182 -22.59 -27.57 -4.29
N GLY A 183 -22.70 -26.50 -3.51
CA GLY A 183 -21.94 -26.34 -2.29
C GLY A 183 -20.44 -26.19 -2.45
N THR A 184 -19.99 -25.72 -3.62
CA THR A 184 -18.57 -25.54 -3.89
C THR A 184 -18.06 -24.12 -3.58
N TYR A 185 -18.97 -23.18 -3.38
CA TYR A 185 -18.66 -21.83 -2.89
C TYR A 185 -19.24 -21.71 -1.50
N PRO A 186 -18.72 -20.75 -0.69
CA PRO A 186 -19.40 -20.47 0.59
C PRO A 186 -20.85 -20.04 0.34
N PRO A 187 -21.81 -20.45 1.16
CA PRO A 187 -21.61 -21.13 2.45
C PRO A 187 -21.49 -22.66 2.42
N SER A 188 -21.19 -23.25 1.26
CA SER A 188 -20.92 -24.68 1.12
C SER A 188 -22.09 -25.56 1.56
N ARG A 189 -23.27 -25.25 1.02
CA ARG A 189 -24.49 -25.97 1.35
C ARG A 189 -24.99 -26.71 0.11
N CYS A 190 -25.48 -27.92 0.33
CA CYS A 190 -25.99 -28.76 -0.74
C CYS A 190 -26.64 -30.01 -0.16
N SER A 191 -27.25 -30.79 -1.04
CA SER A 191 -27.84 -32.08 -0.64
C SER A 191 -27.80 -33.02 -1.84
N PRO A 192 -28.03 -34.33 -1.61
CA PRO A 192 -28.09 -35.27 -2.72
C PRO A 192 -29.15 -34.90 -3.77
N PRO A 193 -28.92 -35.14 -5.06
CA PRO A 193 -27.74 -35.84 -5.60
C PRO A 193 -26.55 -34.92 -5.96
N PHE A 194 -26.50 -33.70 -5.43
CA PHE A 194 -25.45 -32.75 -5.82
C PHE A 194 -24.18 -32.94 -5.01
N GLY A 195 -24.32 -33.46 -3.80
CA GLY A 195 -23.18 -33.70 -2.95
C GLY A 195 -23.65 -33.94 -1.53
N HIS A 196 -22.69 -34.16 -0.64
CA HIS A 196 -22.91 -34.30 0.78
C HIS A 196 -22.14 -33.18 1.44
N CYS A 197 -22.85 -32.15 1.87
CA CYS A 197 -22.23 -31.00 2.48
C CYS A 197 -22.40 -31.14 3.99
N ALA A 198 -21.29 -31.10 4.72
CA ALA A 198 -21.30 -31.34 6.18
C ALA A 198 -22.13 -30.31 6.96
N ARG A 199 -22.25 -29.09 6.44
CA ARG A 199 -23.12 -28.05 7.02
C ARG A 199 -24.62 -28.31 6.81
N GLY A 200 -24.98 -29.19 5.89
CA GLY A 200 -26.36 -29.42 5.48
C GLY A 200 -26.71 -28.63 4.24
N GLY A 201 -28.00 -28.52 3.98
CA GLY A 201 -28.52 -27.81 2.82
C GLY A 201 -29.70 -28.52 2.19
N ASP A 202 -30.21 -27.89 1.14
CA ASP A 202 -31.27 -28.46 0.30
C ASP A 202 -31.11 -27.85 -1.08
N SER A 203 -30.46 -28.59 -1.96
CA SER A 203 -30.16 -28.13 -3.31
C SER A 203 -31.40 -27.87 -4.18
N HIS A 204 -32.56 -28.40 -3.79
CA HIS A 204 -33.81 -28.21 -4.53
C HIS A 204 -34.65 -27.03 -4.02
N ALA A 205 -34.22 -26.37 -2.93
CA ALA A 205 -34.97 -25.26 -2.32
C ALA A 205 -34.11 -24.04 -2.04
N GLU A 206 -32.99 -24.24 -1.34
CA GLU A 206 -32.16 -23.13 -0.88
C GLU A 206 -31.65 -22.21 -1.99
N PRO A 207 -31.22 -22.76 -3.14
CA PRO A 207 -30.79 -21.84 -4.20
C PRO A 207 -31.86 -20.84 -4.63
N TYR A 208 -33.12 -21.27 -4.62
CA TYR A 208 -34.21 -20.42 -5.08
C TYR A 208 -34.58 -19.38 -4.03
N VAL A 209 -34.43 -19.71 -2.76
CA VAL A 209 -34.58 -18.73 -1.68
C VAL A 209 -33.46 -17.67 -1.77
N ALA A 210 -32.23 -18.14 -1.94
CA ALA A 210 -31.09 -17.24 -2.03
C ALA A 210 -31.23 -16.25 -3.19
N ALA A 211 -31.56 -16.77 -4.37
CA ALA A 211 -31.74 -15.90 -5.55
C ALA A 211 -32.86 -14.90 -5.34
N HIS A 212 -33.93 -15.35 -4.68
CA HIS A 212 -35.07 -14.48 -4.37
C HIS A 212 -34.62 -13.27 -3.56
N ASN A 213 -33.85 -13.53 -2.51
CA ASN A 213 -33.31 -12.44 -1.70
C ASN A 213 -32.27 -11.58 -2.44
N VAL A 214 -31.48 -12.16 -3.34
CA VAL A 214 -30.61 -11.32 -4.18
C VAL A 214 -31.44 -10.37 -5.08
N ILE A 215 -32.45 -10.91 -5.74
CA ILE A 215 -33.31 -10.12 -6.62
C ILE A 215 -33.92 -8.97 -5.83
N LEU A 216 -34.44 -9.27 -4.64
CA LEU A 216 -35.10 -8.23 -3.85
C LEU A 216 -34.13 -7.28 -3.16
N SER A 217 -32.89 -7.72 -2.96
CA SER A 217 -31.82 -6.81 -2.54
C SER A 217 -31.51 -5.78 -3.63
N HIS A 218 -31.41 -6.26 -4.88
CA HIS A 218 -31.26 -5.35 -6.01
C HIS A 218 -32.43 -4.35 -6.01
N ALA A 219 -33.65 -4.87 -5.90
CA ALA A 219 -34.85 -4.04 -5.97
C ALA A 219 -34.84 -2.98 -4.86
N THR A 220 -34.45 -3.38 -3.66
CA THR A 220 -34.33 -2.47 -2.53
C THR A 220 -33.32 -1.35 -2.82
N ALA A 221 -32.15 -1.74 -3.33
CA ALA A 221 -31.10 -0.80 -3.68
C ALA A 221 -31.50 0.18 -4.78
N ILE A 222 -32.10 -0.33 -5.85
CA ILE A 222 -32.44 0.58 -6.97
C ILE A 222 -33.60 1.50 -6.60
N GLU A 223 -34.51 1.05 -5.73
CA GLU A 223 -35.56 1.94 -5.22
C GLU A 223 -34.93 3.11 -4.44
N ILE A 224 -34.01 2.78 -3.54
CA ILE A 224 -33.22 3.80 -2.81
C ILE A 224 -32.57 4.75 -3.80
N TYR A 225 -31.90 4.21 -4.81
CA TYR A 225 -31.20 5.06 -5.78
C TYR A 225 -32.15 6.01 -6.50
N LYS A 226 -33.25 5.49 -7.00
CA LYS A 226 -34.18 6.30 -7.80
C LYS A 226 -34.92 7.34 -6.96
N ARG A 227 -35.24 6.98 -5.72
CA ARG A 227 -35.96 7.90 -4.83
CA ARG A 227 -35.95 7.85 -4.78
C ARG A 227 -35.04 8.98 -4.25
N LYS A 228 -33.82 8.61 -3.89
CA LYS A 228 -32.92 9.50 -3.17
C LYS A 228 -31.80 10.16 -3.98
N TYR A 229 -31.24 9.45 -4.95
CA TYR A 229 -30.01 9.87 -5.61
C TYR A 229 -30.05 10.18 -7.11
N GLN A 230 -30.95 9.55 -7.87
CA GLN A 230 -30.94 9.64 -9.34
CA GLN A 230 -30.91 9.64 -9.33
C GLN A 230 -31.00 11.08 -9.85
N SER A 231 -31.91 11.87 -9.32
CA SER A 231 -32.09 13.24 -9.85
C SER A 231 -30.84 14.11 -9.68
N LYS A 232 -30.18 13.97 -8.53
CA LYS A 232 -28.92 14.68 -8.28
C LYS A 232 -27.72 14.06 -9.04
N GLN A 233 -27.58 12.74 -8.97
CA GLN A 233 -26.37 12.06 -9.44
C GLN A 233 -26.41 11.59 -10.89
N ARG A 234 -27.61 11.36 -11.44
CA ARG A 234 -27.82 11.07 -12.86
C ARG A 234 -27.07 9.82 -13.38
N GLY A 235 -27.04 8.79 -12.53
CA GLY A 235 -26.38 7.55 -12.88
C GLY A 235 -27.35 6.47 -13.34
N MET A 236 -26.79 5.31 -13.69
CA MET A 236 -27.56 4.14 -14.10
C MET A 236 -27.21 2.98 -13.19
N ILE A 237 -28.22 2.18 -12.84
CA ILE A 237 -28.06 1.03 -11.95
C ILE A 237 -28.46 -0.25 -12.70
N GLY A 238 -27.54 -1.22 -12.78
CA GLY A 238 -27.79 -2.48 -13.49
C GLY A 238 -27.47 -3.69 -12.62
N MET A 239 -27.54 -4.87 -13.24
CA MET A 239 -27.10 -6.13 -12.64
C MET A 239 -26.28 -6.86 -13.69
N VAL A 240 -25.25 -7.57 -13.21
CA VAL A 240 -24.34 -8.32 -14.05
C VAL A 240 -24.63 -9.80 -13.92
N LEU A 241 -24.84 -10.47 -15.05
CA LEU A 241 -25.16 -11.89 -15.07
C LEU A 241 -24.14 -12.66 -15.91
N TYR A 242 -23.80 -13.86 -15.46
CA TYR A 242 -22.96 -14.78 -16.21
C TYR A 242 -23.79 -15.29 -17.37
N SER A 243 -23.33 -15.01 -18.60
CA SER A 243 -24.13 -15.12 -19.81
C SER A 243 -23.48 -15.98 -20.90
N THR A 244 -23.65 -17.28 -20.75
CA THR A 244 -23.16 -18.28 -21.71
C THR A 244 -24.15 -18.45 -22.83
N TRP A 245 -23.68 -18.49 -24.08
CA TRP A 245 -24.57 -18.80 -25.19
C TRP A 245 -24.70 -20.33 -25.32
N TYR A 246 -25.90 -20.81 -25.63
CA TYR A 246 -26.15 -22.24 -25.80
C TYR A 246 -26.73 -22.51 -27.17
N GLU A 247 -26.25 -23.60 -27.79
CA GLU A 247 -26.74 -24.12 -29.08
C GLU A 247 -27.24 -25.55 -28.88
N PRO A 248 -28.31 -25.95 -29.61
CA PRO A 248 -28.79 -27.34 -29.47
C PRO A 248 -27.75 -28.35 -29.96
N LEU A 249 -27.51 -29.40 -29.18
CA LEU A 249 -26.53 -30.42 -29.55
C LEU A 249 -26.91 -31.07 -30.88
N ARG A 250 -28.17 -31.47 -30.98
CA ARG A 250 -28.75 -31.92 -32.24
C ARG A 250 -29.86 -30.96 -32.63
N ASP A 251 -29.97 -30.68 -33.92
CA ASP A 251 -30.93 -29.70 -34.40
C ASP A 251 -32.30 -30.36 -34.54
N VAL A 252 -32.90 -30.66 -33.40
CA VAL A 252 -34.21 -31.33 -33.32
C VAL A 252 -35.00 -30.62 -32.22
N PRO A 253 -36.34 -30.65 -32.29
CA PRO A 253 -37.11 -29.87 -31.33
C PRO A 253 -36.78 -30.11 -29.86
N GLU A 254 -36.58 -31.35 -29.45
CA GLU A 254 -36.31 -31.61 -28.03
C GLU A 254 -35.04 -30.92 -27.54
N ASP A 255 -33.99 -30.86 -28.36
CA ASP A 255 -32.77 -30.15 -27.95
C ASP A 255 -32.90 -28.64 -28.10
N ARG A 256 -33.66 -28.18 -29.09
CA ARG A 256 -33.95 -26.75 -29.20
C ARG A 256 -34.68 -26.23 -27.97
N LEU A 257 -35.68 -27.00 -27.51
CA LEU A 257 -36.44 -26.61 -26.32
C LEU A 257 -35.58 -26.68 -25.07
N ALA A 258 -34.76 -27.74 -24.97
CA ALA A 258 -33.76 -27.85 -23.88
C ALA A 258 -32.78 -26.67 -23.84
N THR A 259 -32.36 -26.21 -25.01
CA THR A 259 -31.49 -25.03 -25.13
C THR A 259 -32.17 -23.78 -24.59
N GLU A 260 -33.45 -23.63 -24.94
CA GLU A 260 -34.24 -22.51 -24.46
C GLU A 260 -34.42 -22.57 -22.93
N ARG A 261 -34.57 -23.79 -22.39
CA ARG A 261 -34.61 -23.95 -20.94
C ARG A 261 -33.27 -23.56 -20.29
N ALA A 262 -32.18 -24.06 -20.86
CA ALA A 262 -30.83 -23.77 -20.35
C ALA A 262 -30.61 -22.27 -20.27
N LEU A 263 -31.03 -21.56 -21.31
CA LEU A 263 -30.91 -20.11 -21.36
C LEU A 263 -31.81 -19.44 -20.34
N ALA A 264 -33.06 -19.90 -20.26
CA ALA A 264 -34.04 -19.29 -19.35
C ALA A 264 -33.72 -19.48 -17.86
N PHE A 265 -33.03 -20.58 -17.54
CA PHE A 265 -32.62 -20.88 -16.17
C PHE A 265 -31.36 -20.12 -15.71
N GLU A 266 -30.73 -19.38 -16.62
CA GLU A 266 -29.55 -18.61 -16.28
C GLU A 266 -29.91 -17.15 -16.09
N THR A 267 -29.77 -16.32 -17.10
CA THR A 267 -29.89 -14.89 -16.88
C THR A 267 -31.33 -14.41 -16.61
N PRO A 268 -32.36 -15.00 -17.28
CA PRO A 268 -33.74 -14.58 -16.98
C PRO A 268 -34.23 -14.92 -15.58
N TRP A 269 -33.63 -15.91 -14.93
CA TRP A 269 -33.90 -16.20 -13.53
C TRP A 269 -33.93 -14.90 -12.71
N PHE A 270 -32.96 -14.03 -13.01
CA PHE A 270 -32.85 -12.71 -12.38
C PHE A 270 -33.51 -11.60 -13.21
N LEU A 271 -33.33 -11.62 -14.52
CA LEU A 271 -33.77 -10.51 -15.36
C LEU A 271 -35.28 -10.44 -15.61
N ASP A 272 -35.96 -11.58 -15.70
CA ASP A 272 -37.42 -11.57 -15.88
C ASP A 272 -38.09 -10.89 -14.67
N PRO A 273 -37.71 -11.26 -13.43
CA PRO A 273 -38.29 -10.51 -12.31
C PRO A 273 -38.03 -8.99 -12.37
N LEU A 274 -36.82 -8.60 -12.77
CA LEU A 274 -36.43 -7.19 -12.81
C LEU A 274 -37.01 -6.40 -13.98
N VAL A 275 -37.46 -7.06 -15.04
CA VAL A 275 -38.05 -6.36 -16.19
C VAL A 275 -39.56 -6.57 -16.27
N TYR A 276 -40.02 -7.81 -16.01
CA TYR A 276 -41.45 -8.18 -16.19
C TYR A 276 -42.21 -8.45 -14.89
N GLY A 277 -41.51 -8.50 -13.76
CA GLY A 277 -42.13 -8.71 -12.46
C GLY A 277 -42.51 -10.13 -12.11
N ASP A 278 -41.97 -11.11 -12.84
CA ASP A 278 -42.20 -12.52 -12.55
C ASP A 278 -40.98 -13.32 -12.94
N TYR A 279 -40.80 -14.48 -12.33
CA TYR A 279 -39.76 -15.42 -12.77
C TYR A 279 -40.05 -15.91 -14.17
N PRO A 280 -39.02 -16.42 -14.88
CA PRO A 280 -39.27 -16.95 -16.22
C PRO A 280 -40.35 -18.02 -16.22
N PRO A 281 -41.31 -17.95 -17.17
CA PRO A 281 -42.34 -19.00 -17.22
C PRO A 281 -41.73 -20.40 -17.49
N GLU A 282 -40.60 -20.44 -18.19
CA GLU A 282 -39.87 -21.69 -18.45
C GLU A 282 -39.44 -22.36 -17.13
N MET A 283 -39.01 -21.54 -16.16
CA MET A 283 -38.65 -22.01 -14.83
C MET A 283 -39.86 -22.33 -13.98
N ARG A 284 -40.86 -21.45 -14.00
CA ARG A 284 -42.07 -21.63 -13.19
C ARG A 284 -42.82 -22.92 -13.58
N GLN A 285 -42.88 -23.22 -14.87
CA GLN A 285 -43.54 -24.45 -15.35
C GLN A 285 -42.98 -25.70 -14.68
N ILE A 286 -41.66 -25.72 -14.49
CA ILE A 286 -40.96 -26.87 -13.92
C ILE A 286 -40.91 -26.81 -12.40
N LEU A 287 -40.56 -25.65 -11.85
CA LEU A 287 -40.29 -25.54 -10.41
C LEU A 287 -41.51 -25.23 -9.55
N GLY A 288 -42.52 -24.61 -10.15
CA GLY A 288 -43.73 -24.18 -9.43
C GLY A 288 -43.37 -23.44 -8.16
N GLY A 289 -43.93 -23.92 -7.05
CA GLY A 289 -43.80 -23.28 -5.74
C GLY A 289 -42.40 -23.20 -5.14
N ARG A 290 -41.44 -23.92 -5.73
CA ARG A 290 -40.04 -23.78 -5.32
C ARG A 290 -39.48 -22.37 -5.58
N LEU A 291 -40.07 -21.67 -6.54
CA LEU A 291 -39.79 -20.26 -6.72
C LEU A 291 -40.72 -19.45 -5.79
N PRO A 292 -40.17 -18.68 -4.84
CA PRO A 292 -41.06 -17.90 -3.96
C PRO A 292 -41.83 -16.83 -4.71
N SER A 293 -42.90 -16.34 -4.08
CA SER A 293 -43.72 -15.30 -4.67
C SER A 293 -43.17 -13.91 -4.40
N PHE A 294 -43.63 -12.96 -5.19
CA PHE A 294 -43.33 -11.57 -4.95
C PHE A 294 -44.57 -10.93 -4.34
N SER A 295 -44.42 -10.42 -3.11
CA SER A 295 -45.50 -9.71 -2.41
C SER A 295 -45.82 -8.38 -3.07
N PRO A 296 -46.92 -7.71 -2.64
CA PRO A 296 -47.15 -6.35 -3.15
C PRO A 296 -46.00 -5.37 -2.89
N GLU A 297 -45.37 -5.49 -1.73
CA GLU A 297 -44.26 -4.61 -1.37
C GLU A 297 -43.07 -4.91 -2.30
N ASP A 298 -42.81 -6.19 -2.53
CA ASP A 298 -41.78 -6.63 -3.49
C ASP A 298 -42.03 -6.06 -4.88
N ARG A 299 -43.28 -6.18 -5.33
CA ARG A 299 -43.67 -5.73 -6.66
C ARG A 299 -43.55 -4.22 -6.82
N ARG A 300 -43.81 -3.46 -5.76
CA ARG A 300 -43.58 -2.01 -5.79
C ARG A 300 -42.11 -1.71 -6.09
N LYS A 301 -41.20 -2.41 -5.42
CA LYS A 301 -39.75 -2.23 -5.65
C LYS A 301 -39.32 -2.70 -7.03
N LEU A 302 -39.90 -3.81 -7.49
CA LEU A 302 -39.60 -4.33 -8.84
C LEU A 302 -40.01 -3.38 -9.97
N ARG A 303 -40.94 -2.46 -9.70
CA ARG A 303 -41.33 -1.43 -10.69
C ARG A 303 -40.19 -0.49 -11.08
N TYR A 304 -39.15 -0.39 -10.25
CA TYR A 304 -37.93 0.37 -10.60
C TYR A 304 -36.98 -0.39 -11.54
N LYS A 305 -37.21 -1.70 -11.69
CA LYS A 305 -36.57 -2.52 -12.73
C LYS A 305 -35.02 -2.48 -12.67
N LEU A 306 -34.37 -2.20 -13.81
CA LEU A 306 -32.95 -1.98 -13.87
C LEU A 306 -32.67 -1.18 -15.14
N ASP A 307 -31.58 -0.45 -15.14
CA ASP A 307 -31.29 0.48 -16.24
C ASP A 307 -30.45 -0.14 -17.34
N PHE A 308 -29.69 -1.19 -17.00
CA PHE A 308 -28.89 -1.91 -17.99
C PHE A 308 -28.64 -3.34 -17.57
N ILE A 309 -28.34 -4.18 -18.56
CA ILE A 309 -27.91 -5.55 -18.35
C ILE A 309 -26.39 -5.61 -18.49
N GLY A 310 -25.73 -6.11 -17.44
CA GLY A 310 -24.29 -6.35 -17.46
C GLY A 310 -24.07 -7.76 -17.96
N VAL A 311 -23.51 -7.87 -19.17
CA VAL A 311 -23.30 -9.16 -19.82
C VAL A 311 -21.86 -9.60 -19.60
N ASN A 312 -21.70 -10.63 -18.75
CA ASN A 312 -20.42 -11.31 -18.60
C ASN A 312 -20.46 -12.52 -19.53
N HIS A 313 -19.95 -12.34 -20.74
CA HIS A 313 -19.97 -13.40 -21.74
C HIS A 313 -18.57 -13.86 -22.06
N TYR A 314 -18.33 -15.16 -21.85
CA TYR A 314 -17.06 -15.78 -22.17
C TYR A 314 -17.13 -16.90 -23.22
N THR A 315 -18.17 -17.74 -23.15
CA THR A 315 -18.17 -19.03 -23.84
C THR A 315 -19.55 -19.41 -24.39
N THR A 316 -19.53 -20.48 -25.19
CA THR A 316 -20.71 -21.06 -25.81
C THR A 316 -20.58 -22.56 -25.66
N LEU A 317 -21.71 -23.22 -25.38
CA LEU A 317 -21.76 -24.66 -25.21
C LEU A 317 -22.97 -25.24 -25.93
N TYR A 318 -22.93 -26.55 -26.16
CA TYR A 318 -24.11 -27.26 -26.64
C TYR A 318 -25.02 -27.64 -25.48
N ALA A 319 -26.34 -27.62 -25.72
CA ALA A 319 -27.32 -28.10 -24.74
C ALA A 319 -28.14 -29.23 -25.35
N ARG A 320 -28.44 -30.23 -24.54
CA ARG A 320 -29.23 -31.37 -24.98
C ARG A 320 -30.30 -31.68 -23.94
N ASP A 321 -31.34 -32.37 -24.39
CA ASP A 321 -32.49 -32.65 -23.57
C ASP A 321 -32.24 -33.71 -22.51
N CYS A 322 -32.73 -33.45 -21.30
CA CYS A 322 -32.84 -34.44 -20.22
C CYS A 322 -34.26 -34.64 -19.72
N MET A 323 -35.26 -33.99 -20.32
CA MET A 323 -36.65 -34.20 -19.96
C MET A 323 -37.16 -35.56 -20.44
N PHE A 324 -36.67 -36.03 -21.58
CA PHE A 324 -37.13 -37.28 -22.20
C PHE A 324 -36.02 -38.31 -22.37
N SER A 325 -34.87 -38.05 -21.76
CA SER A 325 -33.74 -38.97 -21.71
C SER A 325 -33.20 -38.93 -20.30
N ASP A 326 -32.65 -40.04 -19.84
CA ASP A 326 -32.04 -40.10 -18.51
C ASP A 326 -30.62 -39.55 -18.59
N CYS A 327 -30.34 -38.51 -17.81
CA CYS A 327 -29.04 -37.85 -17.79
C CYS A 327 -28.42 -38.00 -16.41
N PRO A 328 -27.09 -37.84 -16.32
CA PRO A 328 -26.45 -37.85 -15.00
C PRO A 328 -27.01 -36.76 -14.11
N GLN A 329 -27.33 -37.11 -12.87
CA GLN A 329 -27.88 -36.16 -11.91
C GLN A 329 -26.77 -35.42 -11.17
N GLY A 330 -27.12 -34.32 -10.52
CA GLY A 330 -26.20 -33.56 -9.68
C GLY A 330 -25.38 -32.48 -10.38
N GLN A 331 -25.65 -32.20 -11.65
CA GLN A 331 -25.03 -31.06 -12.34
C GLN A 331 -25.92 -29.84 -12.08
N GLU A 332 -25.33 -28.64 -12.19
CA GLU A 332 -26.13 -27.42 -11.94
C GLU A 332 -27.32 -27.23 -12.88
N THR A 333 -27.21 -27.79 -14.08
CA THR A 333 -28.31 -27.78 -15.04
C THR A 333 -29.42 -28.81 -14.75
N GLN A 334 -29.33 -29.58 -13.65
CA GLN A 334 -30.30 -30.67 -13.41
C GLN A 334 -31.76 -30.22 -13.48
N HIS A 335 -32.11 -29.19 -12.73
CA HIS A 335 -33.52 -28.78 -12.64
C HIS A 335 -34.07 -28.22 -13.93
N ALA A 336 -33.20 -27.65 -14.76
CA ALA A 336 -33.55 -27.20 -16.12
C ALA A 336 -33.83 -28.35 -17.10
N LEU A 337 -33.49 -29.58 -16.69
CA LEU A 337 -33.69 -30.78 -17.52
C LEU A 337 -32.98 -30.61 -18.86
N ALA A 338 -31.75 -30.10 -18.77
CA ALA A 338 -30.83 -30.06 -19.88
C ALA A 338 -29.45 -30.46 -19.37
N ALA A 339 -28.61 -30.93 -20.29
CA ALA A 339 -27.21 -31.18 -20.00
C ALA A 339 -26.41 -30.40 -21.01
N VAL A 340 -25.29 -29.85 -20.55
CA VAL A 340 -24.48 -29.00 -21.41
C VAL A 340 -23.11 -29.60 -21.61
N THR A 341 -22.54 -29.36 -22.77
CA THR A 341 -21.24 -29.92 -23.12
C THR A 341 -20.60 -29.07 -24.19
N GLY A 342 -19.27 -29.04 -24.17
CA GLY A 342 -18.51 -28.40 -25.23
C GLY A 342 -18.22 -29.25 -26.45
N GLU A 343 -18.60 -30.53 -26.42
N GLU A 343 -18.58 -30.54 -26.42
CA GLU A 343 -18.28 -31.49 -27.48
CA GLU A 343 -18.27 -31.47 -27.50
C GLU A 343 -19.52 -31.98 -28.20
C GLU A 343 -19.52 -31.98 -28.20
N SER A 344 -19.37 -32.24 -29.51
CA SER A 344 -20.41 -32.87 -30.33
C SER A 344 -19.72 -34.00 -31.07
N ASN A 345 -20.19 -35.23 -30.83
CA ASN A 345 -19.51 -36.44 -31.33
C ASN A 345 -18.03 -36.39 -30.95
N GLY A 346 -17.77 -36.12 -29.66
CA GLY A 346 -16.42 -36.08 -29.10
C GLY A 346 -15.61 -34.81 -29.29
N LEU A 347 -15.99 -33.94 -30.24
CA LEU A 347 -15.13 -32.86 -30.76
C LEU A 347 -15.58 -31.42 -30.38
N PRO A 348 -14.62 -30.52 -30.02
CA PRO A 348 -14.95 -29.19 -29.44
C PRO A 348 -15.70 -28.16 -30.29
N ILE A 349 -16.63 -27.48 -29.63
CA ILE A 349 -17.39 -26.34 -30.23
C ILE A 349 -16.50 -25.19 -30.72
N GLY A 350 -15.37 -24.99 -30.04
CA GLY A 350 -14.33 -24.07 -30.48
C GLY A 350 -13.03 -24.50 -29.83
N THR A 351 -11.94 -23.77 -30.06
CA THR A 351 -10.65 -24.14 -29.43
C THR A 351 -10.81 -24.18 -27.91
N PRO A 352 -10.39 -25.29 -27.25
CA PRO A 352 -10.46 -25.28 -25.80
C PRO A 352 -9.43 -24.33 -25.19
N THR A 353 -9.70 -23.90 -23.96
CA THR A 353 -8.80 -23.05 -23.19
C THR A 353 -8.56 -23.68 -21.82
N ALA A 354 -7.64 -23.06 -21.07
CA ALA A 354 -7.29 -23.53 -19.74
C ALA A 354 -8.42 -23.46 -18.71
N MET A 355 -9.43 -22.62 -18.94
CA MET A 355 -10.60 -22.58 -18.07
C MET A 355 -11.61 -23.63 -18.53
N PRO A 356 -11.97 -24.59 -17.66
CA PRO A 356 -13.03 -25.54 -18.01
C PRO A 356 -14.33 -24.84 -18.46
N THR A 357 -14.90 -25.36 -19.54
CA THR A 357 -16.11 -24.86 -20.23
C THR A 357 -15.89 -23.65 -21.14
N PHE A 358 -14.70 -23.02 -21.10
CA PHE A 358 -14.41 -21.85 -21.92
C PHE A 358 -13.79 -22.30 -23.23
N TYR A 359 -14.52 -22.08 -24.32
CA TYR A 359 -14.08 -22.37 -25.69
C TYR A 359 -14.07 -21.08 -26.50
N VAL A 360 -13.21 -21.02 -27.51
CA VAL A 360 -13.09 -19.82 -28.33
C VAL A 360 -14.21 -19.84 -29.37
N VAL A 361 -15.30 -19.13 -29.09
CA VAL A 361 -16.48 -19.12 -29.96
C VAL A 361 -16.99 -17.67 -30.08
N PRO A 362 -16.32 -16.85 -30.91
CA PRO A 362 -16.69 -15.43 -30.96
C PRO A 362 -18.15 -15.14 -31.29
N ASP A 363 -18.78 -15.89 -32.20
CA ASP A 363 -20.15 -15.53 -32.56
C ASP A 363 -21.16 -15.73 -31.41
N GLY A 364 -20.74 -16.44 -30.36
CA GLY A 364 -21.51 -16.48 -29.11
C GLY A 364 -21.88 -15.14 -28.52
N ILE A 365 -20.99 -14.14 -28.64
CA ILE A 365 -21.26 -12.84 -28.03
C ILE A 365 -22.38 -12.12 -28.79
N GLU A 366 -22.38 -12.29 -30.11
CA GLU A 366 -23.42 -11.76 -30.98
C GLU A 366 -24.76 -12.43 -30.66
N LYS A 367 -24.75 -13.75 -30.59
CA LYS A 367 -25.99 -14.50 -30.35
C LYS A 367 -26.55 -14.23 -28.94
N MET A 368 -25.67 -14.11 -27.95
CA MET A 368 -26.10 -13.81 -26.59
C MET A 368 -26.74 -12.43 -26.53
N VAL A 369 -26.09 -11.43 -27.14
CA VAL A 369 -26.65 -10.08 -27.17
C VAL A 369 -28.02 -10.07 -27.88
N LYS A 370 -28.13 -10.79 -28.99
CA LYS A 370 -29.42 -10.84 -29.72
C LYS A 370 -30.52 -11.47 -28.87
N TYR A 371 -30.18 -12.48 -28.08
CA TYR A 371 -31.11 -13.08 -27.13
C TYR A 371 -31.66 -12.04 -26.14
N PHE A 372 -30.77 -11.26 -25.54
CA PHE A 372 -31.24 -10.19 -24.64
C PHE A 372 -32.10 -9.18 -25.39
N MET A 373 -31.66 -8.77 -26.58
CA MET A 373 -32.43 -7.82 -27.38
C MET A 373 -33.88 -8.27 -27.58
N ARG A 374 -34.06 -9.53 -27.94
CA ARG A 374 -35.38 -10.09 -28.20
C ARG A 374 -36.19 -10.24 -26.91
N ARG A 375 -35.56 -10.74 -25.86
CA ARG A 375 -36.29 -11.01 -24.62
C ARG A 375 -36.64 -9.73 -23.83
N TYR A 376 -35.78 -8.71 -23.90
CA TYR A 376 -35.91 -7.51 -23.07
C TYR A 376 -36.06 -6.21 -23.89
N ASN A 377 -36.48 -6.35 -25.15
N ASN A 377 -36.50 -6.33 -25.14
CA ASN A 377 -36.75 -5.22 -26.05
CA ASN A 377 -36.76 -5.18 -26.01
C ASN A 377 -35.60 -4.22 -26.09
C ASN A 377 -35.59 -4.21 -26.09
N ASN A 378 -34.40 -4.76 -26.31
CA ASN A 378 -33.18 -3.97 -26.49
C ASN A 378 -32.85 -3.02 -25.33
N LEU A 379 -33.12 -3.46 -24.12
CA LEU A 379 -32.69 -2.74 -22.92
C LEU A 379 -31.18 -2.52 -23.01
N PRO A 380 -30.67 -1.33 -22.59
CA PRO A 380 -29.23 -1.10 -22.70
C PRO A 380 -28.38 -2.18 -22.05
N MET A 381 -27.29 -2.51 -22.72
CA MET A 381 -26.34 -3.52 -22.29
C MET A 381 -24.91 -2.98 -22.25
N PHE A 382 -24.11 -3.53 -21.34
CA PHE A 382 -22.67 -3.37 -21.35
C PHE A 382 -22.06 -4.76 -21.28
N ILE A 383 -20.99 -4.96 -22.03
CA ILE A 383 -20.22 -6.20 -21.90
C ILE A 383 -19.30 -5.96 -20.70
N THR A 384 -19.74 -6.40 -19.54
CA THR A 384 -19.06 -6.12 -18.30
C THR A 384 -17.87 -7.04 -18.02
N GLU A 385 -17.81 -8.20 -18.68
CA GLU A 385 -16.62 -9.05 -18.70
C GLU A 385 -16.57 -9.83 -19.99
N ASN A 386 -15.35 -9.95 -20.52
CA ASN A 386 -15.02 -10.84 -21.62
C ASN A 386 -13.51 -11.04 -21.53
N GLY A 387 -13.03 -12.25 -21.75
CA GLY A 387 -11.61 -12.51 -21.56
C GLY A 387 -11.22 -13.95 -21.71
N TYR A 388 -9.93 -14.20 -21.49
CA TYR A 388 -9.27 -15.44 -21.86
C TYR A 388 -8.29 -15.81 -20.75
N ALA A 389 -8.28 -17.07 -20.33
CA ALA A 389 -7.36 -17.53 -19.29
C ALA A 389 -6.24 -18.37 -19.84
N GLN A 390 -5.02 -18.08 -19.40
CA GLN A 390 -3.88 -18.97 -19.56
C GLN A 390 -3.71 -19.85 -18.35
N GLY A 391 -3.23 -21.07 -18.56
CA GLY A 391 -2.80 -21.91 -17.46
C GLY A 391 -2.11 -23.19 -17.89
N GLY A 392 -1.40 -23.80 -16.95
CA GLY A 392 -0.92 -25.18 -17.12
C GLY A 392 0.57 -25.29 -17.31
N ASP A 393 1.01 -26.49 -17.71
CA ASP A 393 2.43 -26.87 -17.76
C ASP A 393 3.24 -26.22 -18.89
N SER A 394 2.56 -25.65 -19.91
CA SER A 394 3.24 -24.88 -20.96
C SER A 394 3.91 -23.56 -20.48
N TYR A 395 3.68 -23.15 -19.23
CA TYR A 395 4.17 -21.87 -18.71
C TYR A 395 5.07 -22.05 -17.49
N THR A 396 6.37 -21.91 -17.70
CA THR A 396 7.37 -22.03 -16.64
C THR A 396 7.97 -20.67 -16.21
N ASP A 397 7.93 -19.66 -17.07
CA ASP A 397 8.45 -18.32 -16.71
C ASP A 397 7.62 -17.17 -17.29
N ALA A 398 7.94 -15.95 -16.86
CA ALA A 398 7.27 -14.72 -17.29
C ALA A 398 7.08 -14.61 -18.81
N GLU A 399 8.14 -14.89 -19.57
CA GLU A 399 8.12 -14.78 -21.03
C GLU A 399 6.99 -15.62 -21.67
N ASP A 400 6.77 -16.81 -21.12
CA ASP A 400 5.71 -17.71 -21.61
C ASP A 400 4.33 -17.09 -21.42
N TRP A 401 4.12 -16.48 -20.25
CA TRP A 401 2.85 -15.81 -19.95
C TRP A 401 2.67 -14.54 -20.78
N ILE A 402 3.77 -13.81 -21.00
CA ILE A 402 3.76 -12.56 -21.77
C ILE A 402 3.42 -12.78 -23.25
N ASP A 403 3.85 -13.91 -23.82
CA ASP A 403 3.59 -14.24 -25.20
C ASP A 403 2.18 -14.82 -25.35
N ASP A 404 1.18 -13.94 -25.35
CA ASP A 404 -0.23 -14.34 -25.32
C ASP A 404 -0.98 -13.98 -26.61
N GLU A 405 -0.41 -14.40 -27.76
CA GLU A 405 -1.11 -14.25 -29.04
C GLU A 405 -2.47 -14.98 -29.04
N ASP A 406 -2.57 -16.07 -28.27
CA ASP A 406 -3.86 -16.75 -28.05
C ASP A 406 -4.93 -15.83 -27.46
N ARG A 407 -4.57 -15.02 -26.45
CA ARG A 407 -5.51 -14.01 -25.92
C ARG A 407 -5.86 -12.95 -26.96
N ILE A 408 -4.86 -12.47 -27.71
CA ILE A 408 -5.11 -11.49 -28.77
C ILE A 408 -6.14 -11.99 -29.77
N GLU A 409 -5.98 -13.25 -30.20
CA GLU A 409 -6.91 -13.84 -31.18
C GLU A 409 -8.33 -13.91 -30.60
N TYR A 410 -8.43 -14.31 -29.34
CA TYR A 410 -9.72 -14.28 -28.64
C TYR A 410 -10.35 -12.88 -28.66
N LEU A 411 -9.64 -11.88 -28.15
CA LEU A 411 -10.18 -10.52 -28.04
C LEU A 411 -10.59 -9.96 -29.39
N GLU A 412 -9.73 -10.17 -30.38
CA GLU A 412 -9.98 -9.70 -31.74
C GLU A 412 -11.26 -10.30 -32.32
N GLY A 413 -11.42 -11.61 -32.17
CA GLY A 413 -12.61 -12.32 -32.66
C GLY A 413 -13.89 -11.85 -32.00
N TYR A 414 -13.87 -11.77 -30.66
CA TYR A 414 -15.07 -11.38 -29.93
C TYR A 414 -15.42 -9.92 -30.14
N LEU A 415 -14.42 -9.05 -30.21
CA LEU A 415 -14.68 -7.64 -30.49
C LEU A 415 -15.24 -7.44 -31.91
N THR A 416 -14.76 -8.25 -32.86
CA THR A 416 -15.29 -8.22 -34.23
C THR A 416 -16.79 -8.52 -34.25
N LYS A 417 -17.19 -9.59 -33.57
CA LYS A 417 -18.60 -9.95 -33.48
C LYS A 417 -19.44 -8.96 -32.67
N LEU A 418 -18.86 -8.39 -31.63
CA LEU A 418 -19.57 -7.36 -30.85
C LEU A 418 -19.85 -6.11 -31.72
N ALA A 419 -18.86 -5.67 -32.49
CA ALA A 419 -19.08 -4.53 -33.40
C ALA A 419 -20.20 -4.83 -34.39
N LYS A 420 -20.23 -6.07 -34.90
CA LYS A 420 -21.29 -6.50 -35.81
C LYS A 420 -22.68 -6.44 -35.18
N VAL A 421 -22.84 -6.97 -33.96
CA VAL A 421 -24.16 -6.97 -33.33
C VAL A 421 -24.66 -5.55 -33.02
N ILE A 422 -23.73 -4.64 -32.73
CA ILE A 422 -24.05 -3.23 -32.53
C ILE A 422 -24.47 -2.57 -33.85
N ARG A 423 -23.75 -2.83 -34.94
CA ARG A 423 -24.20 -2.41 -36.30
C ARG A 423 -25.62 -2.88 -36.62
N ASP A 424 -25.93 -4.11 -36.19
CA ASP A 424 -27.26 -4.70 -36.39
C ASP A 424 -28.36 -4.17 -35.44
N GLY A 425 -28.06 -3.19 -34.58
CA GLY A 425 -29.08 -2.52 -33.76
C GLY A 425 -29.00 -2.69 -32.26
N ALA A 426 -28.07 -3.52 -31.78
CA ALA A 426 -27.96 -3.79 -30.34
C ALA A 426 -27.53 -2.56 -29.57
N ASP A 427 -28.24 -2.23 -28.50
CA ASP A 427 -27.88 -1.11 -27.66
C ASP A 427 -26.83 -1.54 -26.63
N VAL A 428 -25.63 -1.88 -27.11
CA VAL A 428 -24.49 -2.17 -26.26
C VAL A 428 -23.66 -0.89 -26.16
N ARG A 429 -23.32 -0.50 -24.93
CA ARG A 429 -22.70 0.79 -24.65
C ARG A 429 -21.29 0.75 -24.07
N GLY A 430 -20.73 -0.45 -23.90
CA GLY A 430 -19.37 -0.57 -23.46
C GLY A 430 -18.88 -1.99 -23.39
N TYR A 431 -17.57 -2.11 -23.18
CA TYR A 431 -16.86 -3.38 -23.14
C TYR A 431 -15.74 -3.32 -22.11
N PHE A 432 -15.70 -4.33 -21.24
CA PHE A 432 -14.66 -4.43 -20.22
C PHE A 432 -13.96 -5.78 -20.33
N ALA A 433 -12.65 -5.74 -20.57
CA ALA A 433 -11.83 -6.96 -20.57
C ALA A 433 -11.57 -7.43 -19.14
N TRP A 434 -11.91 -8.70 -18.87
CA TRP A 434 -11.49 -9.36 -17.65
C TRP A 434 -10.13 -10.01 -17.99
N SER A 435 -9.00 -9.58 -17.43
CA SER A 435 -8.86 -8.51 -16.44
C SER A 435 -7.59 -7.70 -16.75
N VAL A 436 -7.46 -6.53 -16.14
CA VAL A 436 -6.24 -5.74 -16.26
C VAL A 436 -5.01 -6.50 -15.75
N VAL A 437 -5.17 -7.26 -14.66
CA VAL A 437 -4.07 -8.01 -14.06
C VAL A 437 -4.48 -9.45 -13.77
N ASP A 438 -3.50 -10.34 -13.82
CA ASP A 438 -3.66 -11.69 -13.26
C ASP A 438 -4.08 -11.55 -11.82
N ASN A 439 -4.94 -12.44 -11.34
CA ASN A 439 -5.47 -12.31 -9.99
C ASN A 439 -5.97 -13.65 -9.45
N PHE A 440 -6.57 -13.63 -8.26
CA PHE A 440 -7.07 -14.83 -7.61
C PHE A 440 -8.36 -15.28 -8.28
N GLU A 441 -8.30 -16.37 -9.03
CA GLU A 441 -9.45 -16.86 -9.79
C GLU A 441 -10.25 -17.89 -8.98
N TRP A 442 -10.79 -17.44 -7.85
CA TRP A 442 -11.73 -18.22 -7.03
C TRP A 442 -11.20 -19.63 -6.76
N LEU A 443 -11.93 -20.69 -7.14
CA LEU A 443 -11.50 -22.06 -6.81
C LEU A 443 -10.23 -22.50 -7.54
N PHE A 444 -9.90 -21.82 -8.63
CA PHE A 444 -8.68 -22.08 -9.37
C PHE A 444 -7.45 -21.40 -8.78
N GLY A 445 -7.66 -20.52 -7.79
CA GLY A 445 -6.55 -19.80 -7.18
C GLY A 445 -5.78 -18.99 -8.21
N TYR A 446 -4.46 -19.04 -8.12
CA TYR A 446 -3.60 -18.33 -9.06
C TYR A 446 -3.22 -19.15 -10.28
N THR A 447 -3.80 -20.35 -10.43
CA THR A 447 -3.45 -21.25 -11.54
C THR A 447 -4.02 -20.81 -12.90
N LEU A 448 -4.99 -19.89 -12.90
CA LEU A 448 -5.50 -19.29 -14.11
C LEU A 448 -5.18 -17.81 -14.12
N ARG A 449 -4.61 -17.34 -15.23
CA ARG A 449 -4.13 -16.00 -15.38
C ARG A 449 -4.90 -15.36 -16.52
N PHE A 450 -5.76 -14.41 -16.16
CA PHE A 450 -6.61 -13.71 -17.11
C PHE A 450 -6.09 -12.32 -17.51
N GLY A 451 -4.97 -11.89 -16.94
CA GLY A 451 -4.55 -10.51 -17.02
C GLY A 451 -4.04 -10.06 -18.38
N LEU A 452 -4.28 -8.78 -18.71
CA LEU A 452 -3.51 -8.09 -19.75
C LEU A 452 -2.08 -7.85 -19.28
N TYR A 453 -1.91 -7.65 -17.97
CA TYR A 453 -0.61 -7.58 -17.30
C TYR A 453 -0.33 -8.85 -16.50
N TYR A 454 0.89 -9.35 -16.68
CA TYR A 454 1.41 -10.45 -15.90
C TYR A 454 1.83 -9.93 -14.53
N ILE A 455 1.54 -10.71 -13.49
CA ILE A 455 1.97 -10.40 -12.13
C ILE A 455 2.93 -11.47 -11.62
N ASP A 456 4.12 -11.06 -11.20
CA ASP A 456 5.01 -11.93 -10.43
C ASP A 456 4.60 -11.80 -8.97
N TYR A 457 4.03 -12.86 -8.41
CA TYR A 457 3.49 -12.77 -7.05
C TYR A 457 4.55 -12.72 -5.94
N ARG A 458 5.78 -13.08 -6.26
CA ARG A 458 6.90 -12.90 -5.32
C ARG A 458 7.21 -11.42 -5.10
N THR A 459 7.25 -10.65 -6.18
CA THR A 459 7.67 -9.26 -6.13
C THR A 459 6.56 -8.23 -6.31
N GLN A 460 5.39 -8.69 -6.73
CA GLN A 460 4.27 -7.83 -7.18
C GLN A 460 4.57 -7.00 -8.43
N GLU A 461 5.62 -7.35 -9.19
CA GLU A 461 5.93 -6.64 -10.43
C GLU A 461 4.81 -6.88 -11.46
N ARG A 462 4.35 -5.79 -12.08
CA ARG A 462 3.45 -5.80 -13.22
C ARG A 462 4.28 -5.74 -14.50
N SER A 463 4.02 -6.63 -15.46
CA SER A 463 4.66 -6.60 -16.78
C SER A 463 3.60 -6.78 -17.87
N PRO A 464 3.61 -5.91 -18.91
CA PRO A 464 2.60 -6.03 -19.96
C PRO A 464 2.78 -7.29 -20.79
N LYS A 465 1.70 -8.02 -20.96
CA LYS A 465 1.68 -9.10 -21.94
C LYS A 465 1.46 -8.48 -23.34
N LEU A 466 1.63 -9.27 -24.39
CA LEU A 466 1.35 -8.77 -25.74
C LEU A 466 -0.09 -8.25 -25.85
N SER A 467 -1.05 -8.89 -25.17
CA SER A 467 -2.43 -8.42 -25.21
C SER A 467 -2.60 -7.01 -24.66
N ALA A 468 -1.80 -6.62 -23.65
CA ALA A 468 -1.82 -5.23 -23.17
C ALA A 468 -1.42 -4.27 -24.28
N LEU A 469 -0.36 -4.61 -24.99
CA LEU A 469 0.11 -3.79 -26.13
C LEU A 469 -0.91 -3.76 -27.26
N TRP A 470 -1.57 -4.91 -27.48
CA TRP A 470 -2.62 -5.01 -28.50
C TRP A 470 -3.81 -4.13 -28.14
N TYR A 471 -4.29 -4.23 -26.89
CA TYR A 471 -5.45 -3.44 -26.46
C TYR A 471 -5.15 -1.94 -26.53
N LYS A 472 -3.93 -1.56 -26.16
CA LYS A 472 -3.47 -0.18 -26.32
C LYS A 472 -3.53 0.27 -27.78
N GLU A 473 -3.01 -0.56 -28.67
CA GLU A 473 -3.06 -0.27 -30.12
C GLU A 473 -4.50 -0.14 -30.62
N PHE A 474 -5.34 -1.09 -30.21
CA PHE A 474 -6.76 -1.06 -30.53
C PHE A 474 -7.40 0.25 -30.08
N LEU A 475 -7.15 0.66 -28.83
CA LEU A 475 -7.78 1.87 -28.30
C LEU A 475 -7.22 3.18 -28.89
N GLN A 476 -6.01 3.13 -29.43
CA GLN A 476 -5.45 4.25 -30.22
C GLN A 476 -6.12 4.48 -31.59
N ASN A 477 -6.87 3.49 -32.09
CA ASN A 477 -7.52 3.54 -33.42
C ASN A 477 -6.48 3.71 -34.54
N ALA B 1 26.55 -13.67 30.85
CA ALA B 1 25.40 -13.09 31.61
C ALA B 1 25.16 -11.68 31.12
N MET B 2 23.96 -11.14 31.38
CA MET B 2 23.68 -9.76 31.02
C MET B 2 24.60 -8.87 31.84
N ALA B 3 25.43 -8.09 31.17
CA ALA B 3 26.52 -7.32 31.80
C ALA B 3 26.08 -5.93 32.24
N ILE B 4 24.88 -5.53 31.82
CA ILE B 4 24.38 -4.18 32.07
C ILE B 4 22.85 -4.27 32.16
N HIS B 5 22.25 -3.41 32.98
CA HIS B 5 20.82 -3.43 33.23
C HIS B 5 20.30 -2.01 33.33
N ARG B 6 19.00 -1.84 33.19
CA ARG B 6 18.34 -0.52 33.33
CA ARG B 6 18.37 -0.52 33.32
C ARG B 6 18.69 0.15 34.66
N SER B 7 18.81 -0.66 35.71
CA SER B 7 19.19 -0.19 37.05
C SER B 7 20.60 0.43 37.16
N ASP B 8 21.45 0.22 36.15
CA ASP B 8 22.75 0.87 36.08
C ASP B 8 22.70 2.30 35.53
N PHE B 9 21.50 2.77 35.18
CA PHE B 9 21.27 4.14 34.73
C PHE B 9 20.36 4.84 35.72
N PRO B 10 20.32 6.18 35.69
CA PRO B 10 19.44 6.89 36.63
C PRO B 10 17.96 6.53 36.46
N ALA B 11 17.19 6.67 37.54
CA ALA B 11 15.78 6.35 37.52
C ALA B 11 14.98 7.16 36.51
N SER B 12 15.36 8.41 36.28
CA SER B 12 14.63 9.31 35.35
C SER B 12 14.97 9.16 33.83
N PHE B 13 15.86 8.24 33.50
CA PHE B 13 16.36 8.02 32.13
C PHE B 13 15.28 7.57 31.11
N LEU B 14 15.35 8.10 29.88
CA LEU B 14 14.48 7.60 28.82
C LEU B 14 15.15 6.42 28.09
N PHE B 15 14.38 5.35 27.91
CA PHE B 15 14.82 4.21 27.09
C PHE B 15 13.75 3.97 26.03
N GLY B 16 14.17 3.98 24.76
CA GLY B 16 13.23 3.75 23.68
C GLY B 16 13.87 3.15 22.44
N THR B 17 13.17 3.34 21.33
CA THR B 17 13.65 2.98 20.00
C THR B 17 13.39 4.18 19.09
N ALA B 18 14.06 4.20 17.95
CA ALA B 18 13.94 5.31 17.02
C ALA B 18 13.60 4.85 15.60
N THR B 19 12.79 5.64 14.90
CA THR B 19 12.47 5.46 13.49
C THR B 19 12.44 6.85 12.81
N SER B 20 12.15 6.87 11.50
CA SER B 20 11.85 8.10 10.76
C SER B 20 10.71 7.83 9.79
N SER B 21 10.04 8.90 9.37
CA SER B 21 8.79 8.77 8.64
C SER B 21 8.95 8.09 7.29
N TYR B 22 9.90 8.56 6.49
CA TYR B 22 10.11 7.96 5.18
C TYR B 22 10.54 6.50 5.28
N GLN B 23 11.28 6.17 6.33
CA GLN B 23 11.86 4.85 6.42
C GLN B 23 10.84 3.77 6.80
N ILE B 24 9.76 4.15 7.48
CA ILE B 24 8.76 3.18 7.96
C ILE B 24 7.31 3.34 7.48
N GLU B 25 6.87 4.56 7.15
CA GLU B 25 5.43 4.81 7.05
C GLU B 25 4.73 4.18 5.86
N GLY B 26 5.38 4.25 4.69
CA GLY B 26 4.68 3.94 3.45
C GLY B 26 3.49 4.86 3.25
N ALA B 27 2.43 4.33 2.63
CA ALA B 27 1.22 5.12 2.35
C ALA B 27 1.58 6.49 1.77
N TYR B 28 2.50 6.47 0.80
CA TYR B 28 3.19 7.70 0.41
C TYR B 28 2.32 8.74 -0.31
N LEU B 29 1.18 8.31 -0.85
CA LEU B 29 0.22 9.26 -1.44
C LEU B 29 -1.15 9.26 -0.73
N GLU B 30 -1.22 8.67 0.45
CA GLU B 30 -2.46 8.59 1.22
C GLU B 30 -2.66 9.82 2.10
N GLY B 31 -3.92 10.10 2.45
CA GLY B 31 -4.25 11.15 3.40
C GLY B 31 -3.79 12.54 2.96
N ASN B 32 -3.92 12.80 1.67
CA ASN B 32 -3.56 14.09 1.03
C ASN B 32 -2.07 14.45 1.12
N LYS B 33 -1.22 13.47 1.41
CA LYS B 33 0.23 13.71 1.46
C LYS B 33 0.75 14.05 0.06
N SER B 34 1.65 15.03 -0.04
CA SER B 34 2.32 15.35 -1.31
C SER B 34 3.59 14.52 -1.48
N LEU B 35 4.14 14.55 -2.69
CA LEU B 35 5.42 13.91 -2.96
C LEU B 35 6.55 14.62 -2.22
N SER B 36 7.39 13.84 -1.55
CA SER B 36 8.60 14.38 -0.92
C SER B 36 9.80 14.23 -1.84
N ASN B 37 10.89 14.88 -1.44
CA ASN B 37 12.16 14.70 -2.12
C ASN B 37 12.55 13.23 -2.29
N TRP B 38 12.31 12.40 -1.27
CA TRP B 38 12.67 10.98 -1.35
C TRP B 38 11.69 10.16 -2.19
N ASP B 39 10.40 10.52 -2.19
CA ASP B 39 9.45 9.88 -3.10
C ASP B 39 9.94 10.05 -4.55
N VAL B 40 10.33 11.26 -4.90
CA VAL B 40 10.80 11.54 -6.26
C VAL B 40 12.11 10.80 -6.56
N PHE B 41 13.05 10.93 -5.62
CA PHE B 41 14.38 10.35 -5.76
C PHE B 41 14.38 8.83 -5.93
N THR B 42 13.58 8.12 -5.13
CA THR B 42 13.54 6.66 -5.21
C THR B 42 12.79 6.11 -6.44
N HIS B 43 12.06 6.97 -7.15
CA HIS B 43 11.39 6.58 -8.39
C HIS B 43 12.24 6.85 -9.64
N LEU B 44 13.49 7.28 -9.43
CA LEU B 44 14.46 7.39 -10.51
C LEU B 44 15.42 6.20 -10.44
N PRO B 45 15.77 5.62 -11.60
CA PRO B 45 16.65 4.44 -11.62
C PRO B 45 18.10 4.73 -11.20
N GLY B 46 18.75 3.74 -10.59
CA GLY B 46 20.17 3.78 -10.28
C GLY B 46 20.57 4.50 -9.01
N ASN B 47 19.60 4.89 -8.18
CA ASN B 47 19.91 5.57 -6.91
C ASN B 47 19.94 4.63 -5.71
N ILE B 48 19.03 3.67 -5.67
CA ILE B 48 18.88 2.79 -4.52
C ILE B 48 19.44 1.41 -4.87
N LYS B 49 20.27 0.87 -3.98
CA LYS B 49 21.06 -0.33 -4.25
C LYS B 49 20.24 -1.51 -4.80
N ASP B 50 19.10 -1.77 -4.17
CA ASP B 50 18.21 -2.88 -4.55
C ASP B 50 17.01 -2.45 -5.42
N GLY B 51 17.07 -1.25 -6.00
CA GLY B 51 15.99 -0.72 -6.82
C GLY B 51 14.67 -0.50 -6.10
N SER B 52 14.71 -0.39 -4.78
CA SER B 52 13.51 -0.34 -3.97
C SER B 52 13.13 1.11 -3.66
N ASN B 53 11.99 1.27 -3.00
CA ASN B 53 11.53 2.59 -2.59
C ASN B 53 10.78 2.51 -1.26
N GLY B 54 10.41 3.66 -0.72
CA GLY B 54 9.62 3.74 0.48
C GLY B 54 8.13 3.91 0.29
N ASP B 55 7.59 3.50 -0.87
CA ASP B 55 6.16 3.63 -1.14
C ASP B 55 5.31 2.96 -0.06
N ILE B 56 5.77 1.79 0.37
CA ILE B 56 5.07 0.94 1.35
C ILE B 56 5.91 0.76 2.63
N ALA B 57 7.20 0.47 2.48
CA ALA B 57 8.12 0.38 3.61
C ALA B 57 7.60 -0.63 4.64
N ASP B 58 7.49 -0.25 5.92
CA ASP B 58 6.91 -1.12 6.94
C ASP B 58 5.40 -0.95 7.06
N ASP B 59 4.77 -0.21 6.14
CA ASP B 59 3.33 0.02 6.16
C ASP B 59 2.85 0.53 7.52
N HIS B 60 3.68 1.37 8.15
CA HIS B 60 3.44 1.81 9.52
C HIS B 60 2.31 2.83 9.64
N TYR B 61 2.07 3.65 8.62
CA TYR B 61 0.88 4.53 8.58
C TYR B 61 -0.38 3.69 8.83
N HIS B 62 -0.44 2.51 8.22
CA HIS B 62 -1.54 1.60 8.47
C HIS B 62 -1.41 0.79 9.75
N ARG B 63 -0.20 0.31 10.06
CA ARG B 63 0.01 -0.69 11.10
C ARG B 63 0.59 -0.17 12.42
N TYR B 64 0.56 1.15 12.62
CA TYR B 64 1.17 1.77 13.81
C TYR B 64 0.67 1.18 15.14
N GLU B 65 -0.60 0.79 15.22
CA GLU B 65 -1.15 0.24 16.47
C GLU B 65 -0.38 -1.01 16.90
N GLU B 66 -0.10 -1.90 15.95
CA GLU B 66 0.71 -3.09 16.23
C GLU B 66 2.12 -2.74 16.68
N ASP B 67 2.77 -1.79 16.00
CA ASP B 67 4.13 -1.40 16.36
C ASP B 67 4.20 -0.77 17.74
N VAL B 68 3.17 -0.01 18.11
CA VAL B 68 3.08 0.56 19.45
C VAL B 68 2.94 -0.56 20.50
N GLU B 69 2.11 -1.56 20.22
CA GLU B 69 2.00 -2.72 21.11
C GLU B 69 3.34 -3.44 21.28
N LEU B 70 4.08 -3.61 20.18
CA LEU B 70 5.37 -4.30 20.27
C LEU B 70 6.40 -3.55 21.10
N MET B 71 6.54 -2.25 20.86
CA MET B 71 7.49 -1.47 21.65
C MET B 71 7.05 -1.43 23.13
N ASN B 72 5.74 -1.37 23.38
CA ASN B 72 5.24 -1.46 24.76
C ASN B 72 5.61 -2.79 25.44
N SER B 73 5.56 -3.87 24.69
CA SER B 73 5.94 -5.20 25.22
C SER B 73 7.41 -5.27 25.62
N LEU B 74 8.27 -4.46 24.98
CA LEU B 74 9.68 -4.34 25.38
C LEU B 74 9.89 -3.60 26.70
N GLY B 75 8.94 -2.76 27.10
CA GLY B 75 9.04 -1.97 28.33
C GLY B 75 9.70 -0.62 28.16
N VAL B 76 9.72 -0.10 26.93
CA VAL B 76 10.22 1.24 26.68
C VAL B 76 9.37 2.29 27.40
N ASN B 77 9.95 3.45 27.70
CA ASN B 77 9.18 4.59 28.19
C ASN B 77 9.21 5.77 27.24
N ALA B 78 9.77 5.58 26.04
CA ALA B 78 9.86 6.65 25.05
C ALA B 78 9.93 6.06 23.64
N TYR B 79 9.50 6.87 22.67
CA TYR B 79 9.54 6.48 21.27
C TYR B 79 9.97 7.68 20.46
N ARG B 80 11.07 7.54 19.72
CA ARG B 80 11.60 8.57 18.85
C ARG B 80 11.15 8.31 17.40
N PHE B 81 10.41 9.28 16.84
CA PHE B 81 9.87 9.20 15.48
C PHE B 81 9.92 10.57 14.85
N SER B 82 9.74 10.62 13.53
CA SER B 82 9.71 11.88 12.81
C SER B 82 8.35 12.13 12.17
N ILE B 83 8.08 13.41 11.92
CA ILE B 83 6.84 13.85 11.30
C ILE B 83 7.11 14.13 9.83
N SER B 84 6.31 13.54 8.95
CA SER B 84 6.39 13.83 7.53
C SER B 84 5.88 15.25 7.21
N TRP B 85 6.79 16.12 6.80
CA TRP B 85 6.44 17.50 6.42
C TRP B 85 5.34 17.50 5.35
N SER B 86 5.48 16.58 4.39
CA SER B 86 4.53 16.44 3.28
C SER B 86 3.12 16.01 3.70
N ARG B 87 2.98 15.41 4.89
CA ARG B 87 1.65 15.12 5.42
C ARG B 87 1.04 16.31 6.16
N ILE B 88 1.86 17.12 6.82
CA ILE B 88 1.37 18.24 7.62
C ILE B 88 1.07 19.47 6.76
N LEU B 89 2.02 19.84 5.93
CA LEU B 89 1.90 20.96 5.00
C LEU B 89 2.30 20.46 3.61
N PRO B 90 1.36 19.81 2.88
CA PRO B 90 1.72 19.20 1.61
C PRO B 90 2.36 20.16 0.60
N LYS B 91 1.97 21.43 0.64
CA LYS B 91 2.54 22.46 -0.23
C LYS B 91 3.34 23.50 0.57
N GLY B 92 3.83 23.13 1.75
CA GLY B 92 4.46 24.09 2.65
C GLY B 92 3.60 25.32 2.91
N ARG B 93 4.22 26.50 2.86
CA ARG B 93 3.51 27.79 2.99
C ARG B 93 2.58 28.11 1.81
N PHE B 94 2.68 27.33 0.74
CA PHE B 94 1.93 27.60 -0.50
C PHE B 94 0.62 26.81 -0.57
N GLY B 95 0.20 26.28 0.58
CA GLY B 95 -1.10 25.62 0.74
C GLY B 95 -1.45 25.60 2.22
N GLY B 96 -2.53 24.90 2.56
CA GLY B 96 -3.00 24.84 3.95
C GLY B 96 -2.45 23.70 4.77
N VAL B 97 -2.79 23.70 6.05
CA VAL B 97 -2.51 22.58 6.92
C VAL B 97 -3.47 21.45 6.56
N ASN B 98 -2.94 20.24 6.54
CA ASN B 98 -3.67 19.06 6.09
C ASN B 98 -4.26 18.32 7.30
N PRO B 99 -5.60 18.37 7.49
CA PRO B 99 -6.20 17.70 8.66
C PRO B 99 -5.88 16.21 8.79
N ALA B 100 -5.82 15.48 7.68
CA ALA B 100 -5.53 14.05 7.70
C ALA B 100 -4.15 13.73 8.30
N GLY B 101 -3.17 14.58 8.02
CA GLY B 101 -1.81 14.41 8.56
C GLY B 101 -1.77 14.70 10.05
N ILE B 102 -2.45 15.78 10.46
CA ILE B 102 -2.59 16.14 11.86
C ILE B 102 -3.25 14.97 12.61
N ASP B 103 -4.34 14.45 12.05
CA ASP B 103 -5.10 13.37 12.68
C ASP B 103 -4.25 12.13 12.89
N PHE B 104 -3.43 11.78 11.88
CA PHE B 104 -2.56 10.61 12.03
C PHE B 104 -1.60 10.74 13.21
N TYR B 105 -0.84 11.83 13.26
CA TYR B 105 0.15 11.97 14.33
C TYR B 105 -0.53 12.10 15.70
N ASN B 106 -1.71 12.73 15.77
CA ASN B 106 -2.51 12.73 17.01
C ASN B 106 -2.86 11.32 17.47
N LYS B 107 -3.29 10.46 16.55
CA LYS B 107 -3.60 9.05 16.91
C LYS B 107 -2.36 8.33 17.44
N LEU B 108 -1.24 8.52 16.75
CA LEU B 108 0.03 7.90 17.12
C LEU B 108 0.47 8.35 18.51
N ILE B 109 0.50 9.66 18.71
CA ILE B 109 0.90 10.26 19.98
C ILE B 109 -0.01 9.77 21.12
N ASP B 110 -1.31 9.76 20.88
CA ASP B 110 -2.25 9.30 21.90
C ASP B 110 -2.05 7.82 22.23
N SER B 111 -1.77 6.99 21.22
CA SER B 111 -1.54 5.56 21.43
C SER B 111 -0.35 5.29 22.31
N ILE B 112 0.79 5.94 22.01
CA ILE B 112 1.98 5.76 22.86
C ILE B 112 1.78 6.28 24.29
N LEU B 113 1.14 7.44 24.43
CA LEU B 113 0.92 8.01 25.77
C LEU B 113 -0.04 7.19 26.63
N LEU B 114 -1.00 6.51 26.00
CA LEU B 114 -1.88 5.57 26.69
C LEU B 114 -1.09 4.41 27.34
N LYS B 115 0.04 4.05 26.73
CA LYS B 115 0.97 3.04 27.27
C LYS B 115 2.08 3.61 28.18
N GLY B 116 2.02 4.89 28.54
CA GLY B 116 3.09 5.55 29.29
C GLY B 116 4.39 5.73 28.52
N ILE B 117 4.30 5.82 27.19
CA ILE B 117 5.48 5.95 26.32
C ILE B 117 5.54 7.39 25.80
N GLN B 118 6.60 8.10 26.16
CA GLN B 118 6.74 9.53 25.86
C GLN B 118 7.20 9.75 24.40
N PRO B 119 6.53 10.64 23.66
CA PRO B 119 7.02 11.02 22.34
C PRO B 119 8.35 11.76 22.39
N PHE B 120 9.21 11.51 21.42
CA PHE B 120 10.49 12.21 21.31
C PHE B 120 10.59 12.51 19.81
N VAL B 121 10.16 13.72 19.42
CA VAL B 121 9.71 13.93 18.04
C VAL B 121 10.71 14.73 17.20
N THR B 122 11.09 14.15 16.07
CA THR B 122 11.92 14.83 15.06
C THR B 122 11.01 15.54 14.07
N LEU B 123 11.25 16.83 13.84
CA LEU B 123 10.48 17.56 12.84
C LEU B 123 10.87 17.16 11.43
N THR B 124 12.17 17.15 11.13
CA THR B 124 12.65 16.81 9.79
C THR B 124 13.80 15.81 9.84
N HIS B 125 13.66 14.75 9.05
CA HIS B 125 14.60 13.64 9.03
C HIS B 125 14.83 13.29 7.56
N TYR B 126 15.58 14.16 6.90
CA TYR B 126 16.00 14.06 5.48
C TYR B 126 14.94 14.46 4.46
N ASP B 127 13.68 14.50 4.89
CA ASP B 127 12.54 14.71 3.99
C ASP B 127 12.12 16.18 3.89
N ILE B 128 11.64 16.56 2.72
CA ILE B 128 10.97 17.84 2.49
C ILE B 128 9.93 17.62 1.41
N PRO B 129 8.87 18.43 1.38
CA PRO B 129 7.99 18.34 0.22
C PRO B 129 8.77 18.72 -1.03
N GLN B 130 8.62 17.95 -2.10
CA GLN B 130 9.37 18.22 -3.34
C GLN B 130 9.10 19.65 -3.82
N GLU B 131 7.90 20.16 -3.54
CA GLU B 131 7.51 21.50 -3.95
C GLU B 131 8.48 22.59 -3.45
N LEU B 132 9.06 22.41 -2.26
CA LEU B 132 10.02 23.39 -1.75
C LEU B 132 11.37 23.36 -2.48
N GLU B 133 11.79 22.18 -2.92
CA GLU B 133 12.94 22.08 -3.82
C GLU B 133 12.61 22.77 -5.14
N ASP B 134 11.44 22.44 -5.69
CA ASP B 134 11.03 22.98 -6.98
C ASP B 134 10.96 24.50 -6.98
N ARG B 135 10.27 25.06 -5.99
CA ARG B 135 10.01 26.48 -5.98
C ARG B 135 11.26 27.33 -5.80
N TYR B 136 12.13 26.97 -4.86
CA TYR B 136 13.29 27.84 -4.57
C TYR B 136 14.58 27.12 -4.19
N GLY B 137 14.67 25.84 -4.49
CA GLY B 137 15.89 25.09 -4.22
C GLY B 137 16.12 24.79 -2.74
N ALA B 138 15.03 24.69 -1.99
CA ALA B 138 15.05 24.28 -0.58
C ALA B 138 16.17 24.96 0.23
N TRP B 139 17.19 24.21 0.66
CA TRP B 139 18.20 24.70 1.62
C TRP B 139 19.18 25.71 1.04
N LEU B 140 19.16 25.89 -0.29
CA LEU B 140 19.99 26.90 -0.93
C LEU B 140 19.38 28.29 -0.92
N ASN B 141 18.18 28.46 -0.36
CA ASN B 141 17.53 29.78 -0.29
C ASN B 141 17.05 30.03 1.11
N ALA B 142 17.26 31.26 1.59
CA ALA B 142 16.86 31.61 2.95
C ALA B 142 15.34 31.50 3.20
N GLU B 143 14.53 31.47 2.13
CA GLU B 143 13.09 31.26 2.29
C GLU B 143 12.73 29.94 3.01
N ILE B 144 13.59 28.93 2.92
CA ILE B 144 13.40 27.68 3.64
C ILE B 144 13.19 27.91 5.15
N GLN B 145 13.82 28.94 5.70
CA GLN B 145 13.69 29.26 7.12
C GLN B 145 12.24 29.57 7.49
N SER B 146 11.55 30.31 6.61
CA SER B 146 10.13 30.62 6.83
C SER B 146 9.25 29.40 6.73
N ASP B 147 9.51 28.57 5.72
CA ASP B 147 8.78 27.31 5.55
C ASP B 147 8.99 26.37 6.73
N PHE B 148 10.24 26.22 7.16
CA PHE B 148 10.50 25.39 8.33
C PHE B 148 9.89 25.97 9.62
N GLY B 149 9.99 27.28 9.80
CA GLY B 149 9.37 27.92 10.94
C GLY B 149 7.87 27.70 10.97
N HIS B 150 7.24 27.77 9.80
CA HIS B 150 5.81 27.56 9.68
C HIS B 150 5.44 26.11 10.06
N PHE B 151 6.18 25.15 9.51
CA PHE B 151 6.02 23.73 9.82
C PHE B 151 6.19 23.47 11.33
N ALA B 152 7.22 24.05 11.92
CA ALA B 152 7.47 23.88 13.36
C ALA B 152 6.31 24.47 14.17
N ASP B 153 5.90 25.69 13.82
CA ASP B 153 4.79 26.37 14.49
C ASP B 153 3.50 25.52 14.48
N VAL B 154 3.14 25.01 13.31
CA VAL B 154 1.97 24.12 13.16
C VAL B 154 2.09 22.88 14.07
N CYS B 155 3.25 22.22 14.05
CA CYS B 155 3.47 21.03 14.87
C CYS B 155 3.44 21.33 16.38
N PHE B 156 4.05 22.44 16.80
CA PHE B 156 4.02 22.82 18.21
C PHE B 156 2.57 23.04 18.66
N GLY B 157 1.81 23.78 17.86
CA GLY B 157 0.41 24.06 18.18
C GLY B 157 -0.48 22.82 18.21
N ALA B 158 -0.26 21.93 17.24
CA ALA B 158 -1.08 20.72 17.10
C ALA B 158 -0.75 19.64 18.12
N PHE B 159 0.53 19.46 18.44
CA PHE B 159 0.99 18.31 19.23
C PHE B 159 1.71 18.62 20.55
N GLY B 160 2.12 19.89 20.75
CA GLY B 160 2.99 20.23 21.87
C GLY B 160 2.38 20.16 23.26
N ASP B 161 1.05 20.10 23.34
CA ASP B 161 0.38 19.79 24.61
C ASP B 161 0.74 18.40 25.15
N ARG B 162 1.12 17.49 24.24
CA ARG B 162 1.49 16.12 24.58
C ARG B 162 2.96 15.78 24.31
N VAL B 163 3.60 16.45 23.36
CA VAL B 163 5.02 16.21 23.03
C VAL B 163 5.88 17.17 23.83
N LYS B 164 6.81 16.65 24.64
CA LYS B 164 7.71 17.46 25.46
C LYS B 164 9.20 17.43 25.03
N TYR B 165 9.51 16.62 24.02
CA TYR B 165 10.86 16.58 23.45
C TYR B 165 10.73 16.71 21.94
N TRP B 166 11.34 17.75 21.39
CA TRP B 166 11.42 17.99 19.95
C TRP B 166 12.86 18.06 19.49
N THR B 167 13.09 17.56 18.28
CA THR B 167 14.34 17.74 17.56
C THR B 167 13.99 18.46 16.26
N THR B 168 14.73 19.50 15.92
CA THR B 168 14.49 20.21 14.66
C THR B 168 14.89 19.37 13.45
N PHE B 169 16.15 18.92 13.46
CA PHE B 169 16.76 18.20 12.35
C PHE B 169 17.52 16.97 12.78
N ASN B 170 17.44 15.94 11.96
CA ASN B 170 18.21 14.72 12.15
C ASN B 170 19.38 14.71 11.19
N GLU B 171 20.58 14.59 11.76
CA GLU B 171 21.83 14.42 11.01
C GLU B 171 21.95 15.34 9.79
N PRO B 172 21.72 16.65 9.99
CA PRO B 172 21.94 17.55 8.84
C PRO B 172 23.39 17.55 8.32
N ASN B 173 24.37 17.19 9.17
CA ASN B 173 25.75 17.07 8.68
C ASN B 173 25.86 16.01 7.57
N VAL B 174 25.10 14.92 7.71
CA VAL B 174 25.06 13.87 6.69
C VAL B 174 24.23 14.31 5.47
N ALA B 175 23.02 14.78 5.73
CA ALA B 175 22.11 15.13 4.63
C ALA B 175 22.68 16.24 3.75
N VAL B 176 23.32 17.24 4.37
CA VAL B 176 23.90 18.35 3.62
C VAL B 176 25.08 17.88 2.77
N ARG B 177 26.01 17.15 3.36
CA ARG B 177 27.17 16.71 2.60
C ARG B 177 26.76 15.74 1.49
N HIS B 178 25.86 14.81 1.78
CA HIS B 178 25.42 13.88 0.73
C HIS B 178 24.65 14.63 -0.37
N GLY B 179 23.83 15.61 0.02
CA GLY B 179 22.96 16.30 -0.92
C GLY B 179 23.68 17.32 -1.81
N TYR B 180 24.70 17.97 -1.27
CA TYR B 180 25.36 19.13 -1.92
C TYR B 180 26.88 19.02 -2.11
N MET B 181 27.52 18.03 -1.50
CA MET B 181 28.97 17.84 -1.65
C MET B 181 29.24 16.62 -2.51
N LEU B 182 28.74 15.45 -2.09
CA LEU B 182 28.87 14.24 -2.91
C LEU B 182 27.79 14.08 -3.97
N GLY B 183 26.64 14.73 -3.77
CA GLY B 183 25.49 14.59 -4.66
C GLY B 183 24.87 13.20 -4.71
N THR B 184 25.04 12.43 -3.65
CA THR B 184 24.49 11.07 -3.55
C THR B 184 23.10 11.03 -2.92
N TYR B 185 22.69 12.10 -2.24
CA TYR B 185 21.31 12.27 -1.77
C TYR B 185 20.65 13.40 -2.57
N PRO B 186 19.31 13.43 -2.63
CA PRO B 186 18.63 14.62 -3.20
C PRO B 186 19.06 15.92 -2.47
N PRO B 187 19.28 17.03 -3.17
CA PRO B 187 18.95 17.25 -4.60
C PRO B 187 20.02 16.82 -5.61
N SER B 188 21.01 16.03 -5.21
CA SER B 188 21.98 15.41 -6.13
C SER B 188 22.84 16.47 -6.81
N ARG B 189 23.40 17.37 -6.01
CA ARG B 189 24.24 18.44 -6.51
C ARG B 189 25.67 18.23 -6.04
N CYS B 190 26.61 18.44 -6.96
CA CYS B 190 28.03 18.27 -6.69
C CYS B 190 28.86 18.81 -7.85
N SER B 191 30.18 18.85 -7.66
CA SER B 191 31.11 19.22 -8.72
C SER B 191 32.47 18.54 -8.50
N PRO B 192 33.34 18.52 -9.53
CA PRO B 192 34.64 17.86 -9.35
C PRO B 192 35.47 18.47 -8.22
N PRO B 193 36.24 17.66 -7.49
CA PRO B 193 36.48 16.23 -7.77
C PRO B 193 35.53 15.25 -7.06
N PHE B 194 34.41 15.74 -6.54
CA PHE B 194 33.48 14.92 -5.76
C PHE B 194 32.58 14.11 -6.68
N GLY B 195 32.24 14.68 -7.83
CA GLY B 195 31.43 13.98 -8.83
C GLY B 195 31.11 14.91 -9.99
N HIS B 196 30.35 14.40 -10.97
CA HIS B 196 29.94 15.16 -12.17
C HIS B 196 28.42 15.32 -12.29
N CYS B 197 27.75 15.66 -11.20
CA CYS B 197 26.28 15.68 -11.10
C CYS B 197 25.54 16.40 -12.24
N ALA B 198 24.57 15.72 -12.85
CA ALA B 198 23.82 16.26 -13.99
C ALA B 198 23.04 17.53 -13.66
N ARG B 199 22.55 17.63 -12.44
CA ARG B 199 21.80 18.80 -12.00
C ARG B 199 22.68 20.03 -11.74
N GLY B 200 24.00 19.84 -11.73
CA GLY B 200 24.96 20.91 -11.47
C GLY B 200 25.37 20.87 -10.02
N GLY B 201 25.90 21.99 -9.54
CA GLY B 201 26.32 22.14 -8.15
C GLY B 201 27.69 22.75 -8.00
N ASP B 202 28.06 22.95 -6.74
CA ASP B 202 29.36 23.49 -6.39
C ASP B 202 29.69 22.93 -5.01
N SER B 203 30.43 21.82 -5.00
CA SER B 203 30.80 21.13 -3.78
C SER B 203 31.69 21.97 -2.84
N HIS B 204 32.39 22.95 -3.41
CA HIS B 204 33.25 23.89 -2.67
C HIS B 204 32.44 24.85 -1.80
N ALA B 205 31.22 25.19 -2.23
CA ALA B 205 30.43 26.31 -1.65
C ALA B 205 29.03 25.94 -1.16
N GLU B 206 28.27 25.21 -1.97
CA GLU B 206 26.87 24.94 -1.68
C GLU B 206 26.62 24.23 -0.34
N PRO B 207 27.49 23.27 0.06
CA PRO B 207 27.26 22.64 1.36
C PRO B 207 27.17 23.64 2.52
N TYR B 208 27.98 24.70 2.45
CA TYR B 208 28.03 25.69 3.53
C TYR B 208 26.84 26.63 3.47
N VAL B 209 26.33 26.93 2.27
CA VAL B 209 25.07 27.68 2.14
C VAL B 209 23.90 26.87 2.72
N ALA B 210 23.82 25.59 2.37
CA ALA B 210 22.73 24.72 2.83
C ALA B 210 22.74 24.58 4.36
N ALA B 211 23.92 24.33 4.92
CA ALA B 211 24.03 24.15 6.37
C ALA B 211 23.65 25.43 7.11
N HIS B 212 24.05 26.58 6.56
CA HIS B 212 23.71 27.89 7.13
C HIS B 212 22.19 28.05 7.25
N ASN B 213 21.47 27.70 6.19
CA ASN B 213 20.01 27.73 6.22
C ASN B 213 19.36 26.68 7.14
N VAL B 214 19.98 25.52 7.27
CA VAL B 214 19.52 24.53 8.28
C VAL B 214 19.66 25.10 9.69
N ILE B 215 20.85 25.63 10.00
CA ILE B 215 21.14 26.24 11.30
C ILE B 215 20.11 27.33 11.62
N LEU B 216 19.87 28.24 10.68
CA LEU B 216 18.94 29.33 10.92
C LEU B 216 17.48 28.90 10.90
N SER B 217 17.15 27.80 10.21
CA SER B 217 15.83 27.18 10.33
C SER B 217 15.61 26.67 11.75
N HIS B 218 16.60 25.98 12.30
CA HIS B 218 16.55 25.58 13.72
C HIS B 218 16.32 26.81 14.60
N ALA B 219 17.15 27.83 14.39
CA ALA B 219 17.08 29.05 15.21
C ALA B 219 15.70 29.71 15.10
N THR B 220 15.15 29.74 13.88
CA THR B 220 13.79 30.25 13.65
C THR B 220 12.75 29.46 14.45
N ALA B 221 12.86 28.13 14.42
CA ALA B 221 11.90 27.27 15.10
C ALA B 221 11.99 27.34 16.62
N ILE B 222 13.20 27.36 17.16
CA ILE B 222 13.36 27.44 18.61
C ILE B 222 12.96 28.83 19.13
N GLU B 223 13.17 29.88 18.34
CA GLU B 223 12.64 31.20 18.72
C GLU B 223 11.12 31.17 18.84
N ILE B 224 10.46 30.58 17.84
CA ILE B 224 9.01 30.40 17.88
C ILE B 224 8.61 29.61 19.12
N TYR B 225 9.30 28.49 19.37
CA TYR B 225 8.96 27.65 20.51
C TYR B 225 9.04 28.42 21.82
N LYS B 226 10.15 29.13 22.01
CA LYS B 226 10.40 29.81 23.28
C LYS B 226 9.49 31.02 23.48
N ARG B 227 9.24 31.78 22.41
CA ARG B 227 8.37 32.95 22.51
C ARG B 227 6.88 32.60 22.67
N LYS B 228 6.43 31.53 22.01
CA LYS B 228 4.99 31.23 21.90
C LYS B 228 4.49 30.02 22.71
N TYR B 229 5.33 29.00 22.86
CA TYR B 229 4.89 27.68 23.36
C TYR B 229 5.51 27.18 24.64
N GLN B 230 6.77 27.52 24.90
CA GLN B 230 7.53 26.89 25.99
C GLN B 230 6.91 27.10 27.37
N SER B 231 6.40 28.30 27.64
CA SER B 231 5.92 28.59 29.01
C SER B 231 4.73 27.70 29.38
N LYS B 232 3.84 27.44 28.43
CA LYS B 232 2.72 26.53 28.66
C LYS B 232 3.12 25.06 28.54
N GLN B 233 3.83 24.73 27.46
CA GLN B 233 4.09 23.33 27.12
C GLN B 233 5.25 22.71 27.89
N ARG B 234 6.23 23.54 28.28
CA ARG B 234 7.35 23.11 29.13
CA ARG B 234 7.34 23.12 29.14
C ARG B 234 8.15 21.94 28.54
N GLY B 235 8.44 22.04 27.24
CA GLY B 235 9.24 21.02 26.55
C GLY B 235 10.65 21.48 26.28
N MET B 236 11.43 20.62 25.60
CA MET B 236 12.82 20.91 25.25
C MET B 236 13.00 20.75 23.74
N ILE B 237 13.80 21.61 23.14
CA ILE B 237 14.05 21.63 21.71
C ILE B 237 15.55 21.43 21.44
N GLY B 238 15.90 20.36 20.74
CA GLY B 238 17.29 20.06 20.40
C GLY B 238 17.54 19.89 18.90
N MET B 239 18.75 19.45 18.59
CA MET B 239 19.14 19.06 17.24
C MET B 239 19.92 17.76 17.34
N VAL B 240 19.70 16.87 16.38
CA VAL B 240 20.35 15.55 16.33
C VAL B 240 21.46 15.59 15.29
N LEU B 241 22.68 15.21 15.70
CA LEU B 241 23.83 15.16 14.79
C LEU B 241 24.41 13.76 14.70
N TYR B 242 24.87 13.41 13.49
CA TYR B 242 25.63 12.18 13.28
C TYR B 242 27.00 12.38 13.94
N SER B 243 27.30 11.51 14.91
CA SER B 243 28.39 11.74 15.86
C SER B 243 29.35 10.56 15.91
N THR B 244 30.30 10.55 14.99
CA THR B 244 31.33 9.51 14.90
C THR B 244 32.53 9.92 15.75
N TRP B 245 33.07 8.98 16.53
CA TRP B 245 34.27 9.25 17.26
C TRP B 245 35.47 9.02 16.35
N TYR B 246 36.49 9.89 16.46
CA TYR B 246 37.72 9.72 15.69
C TYR B 246 38.94 9.61 16.60
N GLU B 247 39.85 8.72 16.22
N GLU B 247 39.88 8.77 16.20
CA GLU B 247 41.14 8.52 16.90
CA GLU B 247 41.14 8.61 16.92
C GLU B 247 42.24 8.79 15.86
C GLU B 247 42.26 8.74 15.89
N PRO B 248 43.39 9.34 16.28
CA PRO B 248 44.45 9.55 15.30
C PRO B 248 45.06 8.25 14.81
N LEU B 249 45.28 8.14 13.50
CA LEU B 249 45.76 6.89 12.92
C LEU B 249 47.13 6.55 13.48
N ARG B 250 48.01 7.55 13.54
CA ARG B 250 49.29 7.44 14.24
C ARG B 250 49.30 8.44 15.37
N ASP B 251 49.92 8.08 16.49
CA ASP B 251 49.90 8.92 17.67
C ASP B 251 51.01 9.97 17.55
N VAL B 252 50.83 10.89 16.61
CA VAL B 252 51.76 11.99 16.36
C VAL B 252 50.97 13.29 16.18
N PRO B 253 51.57 14.45 16.47
CA PRO B 253 50.82 15.70 16.41
C PRO B 253 50.03 15.94 15.13
N GLU B 254 50.61 15.69 13.95
CA GLU B 254 49.89 15.99 12.73
C GLU B 254 48.56 15.21 12.59
N ASP B 255 48.53 13.94 13.01
CA ASP B 255 47.28 13.15 13.01
C ASP B 255 46.37 13.54 14.16
N ARG B 256 46.93 13.92 15.31
CA ARG B 256 46.10 14.43 16.41
C ARG B 256 45.34 15.69 15.99
N LEU B 257 46.05 16.61 15.32
CA LEU B 257 45.41 17.85 14.84
C LEU B 257 44.38 17.56 13.74
N ALA B 258 44.73 16.63 12.85
CA ALA B 258 43.80 16.17 11.81
C ALA B 258 42.54 15.56 12.41
N THR B 259 42.70 14.80 13.50
CA THR B 259 41.58 14.21 14.23
C THR B 259 40.68 15.31 14.83
N GLU B 260 41.30 16.35 15.37
CA GLU B 260 40.52 17.48 15.91
C GLU B 260 39.76 18.21 14.79
N ARG B 261 40.39 18.33 13.60
CA ARG B 261 39.69 18.91 12.45
C ARG B 261 38.52 18.04 12.02
N ALA B 262 38.74 16.74 11.89
CA ALA B 262 37.65 15.83 11.47
C ALA B 262 36.46 15.95 12.42
N LEU B 263 36.75 16.02 13.72
CA LEU B 263 35.70 16.19 14.72
C LEU B 263 35.00 17.54 14.58
N ALA B 264 35.79 18.61 14.41
CA ALA B 264 35.21 19.97 14.40
C ALA B 264 34.38 20.24 13.15
N PHE B 265 34.70 19.56 12.04
CA PHE B 265 33.97 19.69 10.79
C PHE B 265 32.64 18.91 10.79
N GLU B 266 32.40 18.07 11.79
CA GLU B 266 31.15 17.32 11.88
C GLU B 266 30.16 18.01 12.79
N THR B 267 30.07 17.63 14.05
CA THR B 267 28.97 18.12 14.90
C THR B 267 29.11 19.62 15.24
N PRO B 268 30.35 20.12 15.49
CA PRO B 268 30.44 21.56 15.80
C PRO B 268 30.08 22.52 14.65
N TRP B 269 30.15 22.03 13.41
CA TRP B 269 29.65 22.79 12.26
C TRP B 269 28.27 23.39 12.57
N PHE B 270 27.43 22.59 13.23
CA PHE B 270 26.09 23.00 13.64
C PHE B 270 26.02 23.49 15.08
N LEU B 271 26.72 22.81 15.99
CA LEU B 271 26.60 23.11 17.41
C LEU B 271 27.34 24.37 17.88
N ASP B 272 28.49 24.70 17.29
CA ASP B 272 29.18 25.94 17.65
C ASP B 272 28.31 27.16 17.35
N PRO B 273 27.73 27.27 16.13
CA PRO B 273 26.79 28.38 15.93
C PRO B 273 25.64 28.42 16.94
N LEU B 274 25.08 27.27 17.28
CA LEU B 274 23.94 27.20 18.19
C LEU B 274 24.30 27.38 19.66
N VAL B 275 25.56 27.19 20.05
CA VAL B 275 25.95 27.38 21.45
C VAL B 275 26.76 28.66 21.64
N TYR B 276 27.67 28.95 20.72
CA TYR B 276 28.59 30.08 20.84
C TYR B 276 28.39 31.22 19.85
N GLY B 277 27.51 31.03 18.86
CA GLY B 277 27.17 32.10 17.91
C GLY B 277 28.09 32.28 16.73
N ASP B 278 29.01 31.34 16.52
CA ASP B 278 29.93 31.38 15.38
C ASP B 278 30.25 29.96 14.97
N TYR B 279 30.59 29.78 13.69
CA TYR B 279 31.12 28.50 13.23
C TYR B 279 32.40 28.11 13.98
N PRO B 280 32.73 26.81 13.95
CA PRO B 280 33.97 26.39 14.61
C PRO B 280 35.18 27.14 14.07
N PRO B 281 36.08 27.61 14.96
CA PRO B 281 37.27 28.29 14.46
C PRO B 281 38.15 27.34 13.61
N GLU B 282 38.08 26.04 13.87
CA GLU B 282 38.80 25.06 13.06
C GLU B 282 38.35 25.09 11.60
N MET B 283 37.05 25.27 11.39
CA MET B 283 36.49 25.38 10.03
C MET B 283 36.74 26.76 9.44
N ARG B 284 36.54 27.81 10.24
CA ARG B 284 36.73 29.19 9.78
C ARG B 284 38.16 29.47 9.33
N GLN B 285 39.14 28.91 10.05
CA GLN B 285 40.55 29.03 9.65
C GLN B 285 40.80 28.55 8.21
N ILE B 286 40.17 27.45 7.83
CA ILE B 286 40.35 26.83 6.51
C ILE B 286 39.41 27.43 5.47
N LEU B 287 38.14 27.61 5.83
CA LEU B 287 37.09 27.98 4.85
C LEU B 287 36.91 29.47 4.61
N GLY B 288 37.27 30.31 5.58
CA GLY B 288 37.08 31.76 5.47
C GLY B 288 35.65 32.15 5.11
N GLY B 289 35.51 33.01 4.11
CA GLY B 289 34.22 33.51 3.68
C GLY B 289 33.27 32.53 3.00
N ARG B 290 33.71 31.30 2.72
CA ARG B 290 32.78 30.26 2.28
C ARG B 290 31.75 29.92 3.35
N LEU B 291 32.09 30.15 4.61
CA LEU B 291 31.10 30.09 5.68
C LEU B 291 30.35 31.42 5.72
N PRO B 292 29.03 31.41 5.49
CA PRO B 292 28.33 32.69 5.49
C PRO B 292 28.31 33.39 6.84
N SER B 293 28.14 34.71 6.80
CA SER B 293 28.08 35.52 8.01
C SER B 293 26.69 35.47 8.61
N PHE B 294 26.63 35.70 9.92
CA PHE B 294 25.35 35.81 10.63
C PHE B 294 24.98 37.28 10.81
N SER B 295 23.81 37.65 10.29
CA SER B 295 23.24 39.00 10.48
C SER B 295 22.82 39.25 11.94
N PRO B 296 22.52 40.52 12.30
CA PRO B 296 21.95 40.76 13.63
C PRO B 296 20.61 40.06 13.89
N GLU B 297 19.77 39.91 12.86
CA GLU B 297 18.52 39.14 12.95
C GLU B 297 18.85 37.66 13.20
N ASP B 298 19.86 37.14 12.50
CA ASP B 298 20.33 35.76 12.72
C ASP B 298 20.82 35.57 14.15
N ARG B 299 21.62 36.53 14.62
CA ARG B 299 22.23 36.43 15.96
C ARG B 299 21.21 36.48 17.10
N ARG B 300 20.17 37.30 16.93
CA ARG B 300 19.01 37.30 17.84
C ARG B 300 18.46 35.89 18.03
N LYS B 301 18.24 35.19 16.93
CA LYS B 301 17.69 33.84 16.95
C LYS B 301 18.69 32.82 17.51
N LEU B 302 19.96 32.95 17.13
CA LEU B 302 20.99 32.05 17.68
C LEU B 302 21.12 32.12 19.20
N ARG B 303 20.78 33.26 19.81
CA ARG B 303 20.81 33.36 21.27
C ARG B 303 19.83 32.45 22.00
N TYR B 304 18.83 31.91 21.30
CA TYR B 304 17.98 30.85 21.86
C TYR B 304 18.67 29.46 21.90
N LYS B 305 19.76 29.32 21.15
CA LYS B 305 20.63 28.15 21.23
C LYS B 305 19.87 26.83 20.96
N LEU B 306 20.08 25.82 21.81
CA LEU B 306 19.33 24.57 21.78
C LEU B 306 19.35 24.00 23.20
N ASP B 307 18.35 23.19 23.52
CA ASP B 307 18.21 22.67 24.88
C ASP B 307 18.92 21.36 25.11
N PHE B 308 19.20 20.61 24.05
CA PHE B 308 19.94 19.37 24.16
C PHE B 308 20.60 19.00 22.85
N ILE B 309 21.66 18.20 22.96
CA ILE B 309 22.32 17.60 21.81
C ILE B 309 21.81 16.17 21.64
N GLY B 310 21.25 15.87 20.47
CA GLY B 310 20.88 14.52 20.09
C GLY B 310 22.07 13.84 19.46
N VAL B 311 22.61 12.85 20.17
CA VAL B 311 23.82 12.14 19.75
C VAL B 311 23.42 10.87 19.00
N ASN B 312 23.58 10.87 17.67
CA ASN B 312 23.47 9.65 16.87
C ASN B 312 24.86 9.08 16.75
N HIS B 313 25.20 8.16 17.65
CA HIS B 313 26.54 7.59 17.67
C HIS B 313 26.47 6.13 17.33
N TYR B 314 27.19 5.76 16.28
CA TYR B 314 27.29 4.36 15.87
C TYR B 314 28.70 3.81 15.83
N THR B 315 29.68 4.61 15.40
CA THR B 315 30.99 4.07 15.03
C THR B 315 32.14 4.97 15.42
N THR B 316 33.33 4.40 15.31
CA THR B 316 34.59 5.08 15.56
C THR B 316 35.51 4.74 14.41
N LEU B 317 36.28 5.73 13.96
CA LEU B 317 37.25 5.57 12.86
C LEU B 317 38.58 6.25 13.19
N TYR B 318 39.61 5.87 12.43
CA TYR B 318 40.89 6.56 12.48
C TYR B 318 40.86 7.77 11.56
N ALA B 319 41.53 8.85 11.98
CA ALA B 319 41.74 10.02 11.14
C ALA B 319 43.22 10.26 10.96
N ARG B 320 43.62 10.61 9.74
CA ARG B 320 45.00 10.98 9.45
C ARG B 320 45.06 12.31 8.72
N ASP B 321 46.23 12.92 8.79
CA ASP B 321 46.44 14.23 8.19
C ASP B 321 46.51 14.17 6.66
N CYS B 322 45.88 15.15 6.02
CA CYS B 322 46.05 15.42 4.59
C CYS B 322 46.58 16.82 4.29
N MET B 323 46.85 17.62 5.33
CA MET B 323 47.41 18.95 5.13
C MET B 323 48.86 18.89 4.66
N PHE B 324 49.61 17.89 5.15
CA PHE B 324 51.04 17.70 4.85
C PHE B 324 51.38 16.34 4.21
N SER B 325 50.36 15.53 3.90
CA SER B 325 50.53 14.24 3.22
C SER B 325 49.47 14.15 2.15
N ASP B 326 49.73 13.33 1.14
CA ASP B 326 48.77 13.12 0.06
C ASP B 326 47.63 12.23 0.49
N CYS B 327 46.42 12.60 0.06
CA CYS B 327 45.22 11.81 0.30
C CYS B 327 44.36 11.82 -0.94
N PRO B 328 43.56 10.74 -1.15
CA PRO B 328 42.61 10.74 -2.26
C PRO B 328 41.63 11.90 -2.15
N GLN B 329 41.36 12.56 -3.26
CA GLN B 329 40.45 13.70 -3.29
C GLN B 329 39.02 13.24 -3.53
N GLY B 330 38.09 14.14 -3.27
CA GLY B 330 36.67 13.89 -3.51
C GLY B 330 35.90 13.12 -2.45
N GLN B 331 36.51 12.92 -1.29
CA GLN B 331 35.78 12.38 -0.12
C GLN B 331 35.16 13.54 0.64
N GLU B 332 34.13 13.25 1.44
CA GLU B 332 33.45 14.30 2.20
C GLU B 332 34.35 15.00 3.22
N THR B 333 35.41 14.31 3.66
CA THR B 333 36.43 14.91 4.54
C THR B 333 37.47 15.81 3.84
N GLN B 334 37.34 16.04 2.52
CA GLN B 334 38.39 16.76 1.78
C GLN B 334 38.70 18.12 2.37
N HIS B 335 37.67 18.93 2.63
CA HIS B 335 37.91 20.29 3.09
C HIS B 335 38.54 20.34 4.49
N ALA B 336 38.25 19.33 5.30
CA ALA B 336 38.84 19.21 6.63
C ALA B 336 40.34 18.84 6.60
N LEU B 337 40.84 18.42 5.44
CA LEU B 337 42.23 18.02 5.30
C LEU B 337 42.58 16.88 6.25
N ALA B 338 41.65 15.94 6.32
CA ALA B 338 41.81 14.70 7.05
C ALA B 338 41.24 13.57 6.17
N ALA B 339 41.74 12.36 6.39
CA ALA B 339 41.23 11.18 5.70
C ALA B 339 40.86 10.21 6.80
N VAL B 340 39.72 9.54 6.66
CA VAL B 340 39.26 8.61 7.67
C VAL B 340 39.27 7.19 7.14
N THR B 341 39.53 6.24 8.04
CA THR B 341 39.65 4.85 7.67
C THR B 341 39.33 4.01 8.90
N GLY B 342 38.79 2.81 8.67
CA GLY B 342 38.53 1.87 9.74
C GLY B 342 39.68 0.94 10.07
N GLU B 343 40.78 1.03 9.32
CA GLU B 343 41.91 0.12 9.51
C GLU B 343 43.24 0.83 9.81
N SER B 344 44.06 0.16 10.60
CA SER B 344 45.45 0.57 10.85
C SER B 344 46.32 -0.62 10.48
N ASN B 345 47.17 -0.45 9.47
CA ASN B 345 48.03 -1.52 8.95
C ASN B 345 47.21 -2.79 8.63
N GLY B 346 46.07 -2.59 7.98
CA GLY B 346 45.18 -3.70 7.63
C GLY B 346 44.31 -4.28 8.73
N LEU B 347 44.42 -3.78 9.96
CA LEU B 347 43.67 -4.31 11.11
C LEU B 347 42.49 -3.39 11.44
N PRO B 348 41.25 -3.93 11.40
CA PRO B 348 40.10 -3.08 11.70
C PRO B 348 40.09 -2.55 13.12
N ILE B 349 39.58 -1.34 13.28
CA ILE B 349 39.51 -0.67 14.57
C ILE B 349 38.63 -1.43 15.58
N GLY B 350 37.66 -2.17 15.05
CA GLY B 350 36.85 -3.10 15.84
C GLY B 350 36.20 -4.03 14.83
N THR B 351 35.37 -4.96 15.29
CA THR B 351 34.74 -5.91 14.37
C THR B 351 33.94 -5.15 13.29
N PRO B 352 34.21 -5.44 11.99
CA PRO B 352 33.38 -4.77 10.98
C PRO B 352 31.95 -5.30 10.97
N THR B 353 31.06 -4.51 10.39
CA THR B 353 29.65 -4.86 10.26
C THR B 353 29.21 -4.68 8.82
N ALA B 354 27.97 -5.10 8.55
CA ALA B 354 27.37 -4.95 7.23
C ALA B 354 27.27 -3.53 6.73
N MET B 355 27.19 -2.53 7.62
CA MET B 355 27.13 -1.12 7.21
C MET B 355 28.57 -0.59 6.99
N PRO B 356 28.89 -0.10 5.78
CA PRO B 356 30.22 0.50 5.60
C PRO B 356 30.51 1.64 6.59
N THR B 357 31.74 1.62 7.11
CA THR B 357 32.25 2.51 8.16
C THR B 357 31.82 2.18 9.59
N PHE B 358 30.89 1.24 9.76
CA PHE B 358 30.36 0.89 11.10
C PHE B 358 31.17 -0.27 11.66
N TYR B 359 31.95 0.01 12.71
CA TYR B 359 32.74 -1.00 13.43
C TYR B 359 32.28 -1.08 14.88
N VAL B 360 32.46 -2.25 15.48
CA VAL B 360 32.01 -2.46 16.86
C VAL B 360 33.09 -1.88 17.79
N VAL B 361 32.89 -0.66 18.26
CA VAL B 361 33.87 0.05 19.12
C VAL B 361 33.12 0.75 20.25
N PRO B 362 32.73 0.00 21.29
CA PRO B 362 31.93 0.57 22.38
C PRO B 362 32.53 1.77 23.06
N ASP B 363 33.86 1.80 23.19
CA ASP B 363 34.54 2.91 23.84
C ASP B 363 34.26 4.26 23.15
N GLY B 364 33.94 4.23 21.87
CA GLY B 364 33.60 5.44 21.13
C GLY B 364 32.44 6.23 21.68
N ILE B 365 31.46 5.57 22.28
CA ILE B 365 30.30 6.29 22.81
C ILE B 365 30.69 7.11 24.04
N GLU B 366 31.59 6.55 24.84
CA GLU B 366 32.14 7.27 26.00
C GLU B 366 32.94 8.49 25.56
N LYS B 367 33.83 8.28 24.61
CA LYS B 367 34.72 9.34 24.15
C LYS B 367 33.98 10.44 23.38
N MET B 368 32.97 10.05 22.59
CA MET B 368 32.16 11.04 21.89
C MET B 368 31.42 11.93 22.89
N VAL B 369 30.80 11.31 23.90
CA VAL B 369 30.07 12.05 24.93
C VAL B 369 31.03 12.99 25.68
N LYS B 370 32.21 12.51 26.04
CA LYS B 370 33.20 13.37 26.74
C LYS B 370 33.60 14.55 25.87
N TYR B 371 33.72 14.33 24.57
CA TYR B 371 34.03 15.41 23.64
C TYR B 371 32.99 16.53 23.70
N PHE B 372 31.71 16.15 23.68
CA PHE B 372 30.63 17.14 23.84
C PHE B 372 30.69 17.81 25.22
N MET B 373 30.93 17.03 26.27
CA MET B 373 31.02 17.60 27.61
C MET B 373 32.05 18.72 27.66
N ARG B 374 33.23 18.46 27.10
CA ARG B 374 34.32 19.42 27.09
C ARG B 374 34.00 20.64 26.22
N ARG B 375 33.50 20.41 25.02
CA ARG B 375 33.29 21.53 24.08
C ARG B 375 32.10 22.41 24.45
N TYR B 376 31.07 21.83 25.07
CA TYR B 376 29.78 22.52 25.31
C TYR B 376 29.40 22.56 26.80
N ASN B 377 30.39 22.44 27.67
CA ASN B 377 30.18 22.50 29.13
C ASN B 377 29.04 21.62 29.62
N ASN B 378 29.04 20.37 29.15
CA ASN B 378 28.10 19.33 29.59
C ASN B 378 26.63 19.73 29.36
N LEU B 379 26.37 20.37 28.22
CA LEU B 379 25.00 20.63 27.77
C LEU B 379 24.25 19.28 27.74
N PRO B 380 22.95 19.26 28.12
CA PRO B 380 22.25 17.97 28.16
C PRO B 380 22.29 17.21 26.84
N MET B 381 22.41 15.89 26.93
CA MET B 381 22.49 15.01 25.76
C MET B 381 21.48 13.87 25.85
N PHE B 382 21.00 13.44 24.69
CA PHE B 382 20.29 12.16 24.55
C PHE B 382 21.01 11.36 23.49
N ILE B 383 21.16 10.06 23.72
CA ILE B 383 21.64 9.18 22.65
C ILE B 383 20.41 8.86 21.79
N THR B 384 20.26 9.61 20.71
CA THR B 384 19.04 9.57 19.92
C THR B 384 19.04 8.41 18.91
N GLU B 385 20.22 7.88 18.59
CA GLU B 385 20.36 6.63 17.83
C GLU B 385 21.62 5.93 18.25
N ASN B 386 21.53 4.62 18.29
CA ASN B 386 22.65 3.71 18.46
C ASN B 386 22.13 2.36 18.00
N GLY B 387 22.90 1.59 17.27
CA GLY B 387 22.35 0.35 16.70
C GLY B 387 23.27 -0.36 15.75
N TYR B 388 22.78 -1.46 15.19
CA TYR B 388 23.62 -2.43 14.50
C TYR B 388 22.86 -2.98 13.30
N ALA B 389 23.50 -2.97 12.13
CA ALA B 389 22.89 -3.47 10.89
C ALA B 389 23.36 -4.87 10.55
N GLN B 390 22.42 -5.74 10.21
CA GLN B 390 22.71 -7.00 9.54
C GLN B 390 22.57 -6.86 8.02
N GLY B 391 23.30 -7.68 7.26
CA GLY B 391 23.13 -7.68 5.81
C GLY B 391 24.02 -8.61 5.01
N GLY B 392 23.55 -8.99 3.81
CA GLY B 392 24.34 -9.72 2.81
C GLY B 392 23.85 -11.13 2.47
N ASP B 393 24.63 -11.85 1.67
CA ASP B 393 24.23 -13.16 1.09
C ASP B 393 24.13 -14.36 2.06
N SER B 394 24.77 -14.26 3.23
CA SER B 394 24.66 -15.28 4.29
C SER B 394 23.24 -15.38 4.92
N TYR B 395 22.44 -14.31 4.77
CA TYR B 395 21.06 -14.29 5.28
C TYR B 395 20.09 -14.65 4.16
N THR B 396 19.59 -15.88 4.21
CA THR B 396 18.59 -16.35 3.25
C THR B 396 17.17 -16.28 3.80
N ASP B 397 16.97 -16.59 5.09
CA ASP B 397 15.61 -16.71 5.65
C ASP B 397 15.42 -16.00 6.99
N ALA B 398 14.16 -15.95 7.44
CA ALA B 398 13.78 -15.29 8.68
C ALA B 398 14.64 -15.72 9.87
N GLU B 399 14.87 -17.02 10.03
CA GLU B 399 15.62 -17.51 11.20
C GLU B 399 17.07 -17.02 11.26
N ASP B 400 17.68 -16.80 10.10
CA ASP B 400 19.02 -16.20 10.04
C ASP B 400 19.04 -14.76 10.59
N TRP B 401 18.02 -13.97 10.22
CA TRP B 401 17.93 -12.58 10.71
C TRP B 401 17.58 -12.53 12.20
N ILE B 402 16.80 -13.49 12.67
CA ILE B 402 16.31 -13.52 14.05
C ILE B 402 17.42 -13.86 15.05
N ASP B 403 18.37 -14.69 14.64
CA ASP B 403 19.50 -15.05 15.49
C ASP B 403 20.54 -13.94 15.40
N ASP B 404 20.36 -12.90 16.21
CA ASP B 404 21.20 -11.71 16.14
C ASP B 404 22.03 -11.47 17.41
N GLU B 405 22.78 -12.49 17.83
CA GLU B 405 23.70 -12.32 18.95
C GLU B 405 24.73 -11.22 18.70
N ASP B 406 25.11 -11.00 17.44
CA ASP B 406 25.98 -9.89 17.07
C ASP B 406 25.41 -8.53 17.47
N ARG B 407 24.13 -8.31 17.20
CA ARG B 407 23.44 -7.10 17.68
C ARG B 407 23.43 -7.02 19.20
N ILE B 408 23.11 -8.11 19.87
CA ILE B 408 23.12 -8.12 21.34
C ILE B 408 24.48 -7.69 21.91
N GLU B 409 25.55 -8.27 21.39
CA GLU B 409 26.90 -7.93 21.85
C GLU B 409 27.25 -6.45 21.64
N TYR B 410 26.82 -5.90 20.50
CA TYR B 410 26.95 -4.47 20.22
C TYR B 410 26.19 -3.66 21.29
N LEU B 411 24.90 -3.94 21.45
CA LEU B 411 24.06 -3.15 22.37
C LEU B 411 24.60 -3.21 23.79
N GLU B 412 24.96 -4.42 24.22
CA GLU B 412 25.51 -4.59 25.56
C GLU B 412 26.79 -3.79 25.79
N GLY B 413 27.72 -3.86 24.83
CA GLY B 413 28.98 -3.14 24.92
C GLY B 413 28.80 -1.64 24.99
N TYR B 414 27.97 -1.11 24.09
CA TYR B 414 27.77 0.35 24.05
C TYR B 414 27.00 0.88 25.26
N LEU B 415 25.96 0.15 25.67
CA LEU B 415 25.22 0.52 26.89
C LEU B 415 26.10 0.45 28.15
N THR B 416 26.99 -0.52 28.20
CA THR B 416 27.96 -0.58 29.28
C THR B 416 28.82 0.68 29.38
N LYS B 417 29.41 1.09 28.24
CA LYS B 417 30.20 2.31 28.20
C LYS B 417 29.39 3.57 28.45
N LEU B 418 28.13 3.56 28.02
CA LEU B 418 27.26 4.70 28.28
C LEU B 418 26.96 4.85 29.78
N ALA B 419 26.67 3.74 30.47
CA ALA B 419 26.45 3.80 31.92
C ALA B 419 27.66 4.40 32.63
N LYS B 420 28.85 4.01 32.19
CA LYS B 420 30.11 4.48 32.76
C LYS B 420 30.30 5.98 32.58
N VAL B 421 30.06 6.48 31.37
CA VAL B 421 30.30 7.90 31.12
C VAL B 421 29.32 8.77 31.93
N ILE B 422 28.10 8.25 32.13
CA ILE B 422 27.10 8.90 33.00
C ILE B 422 27.58 8.87 34.47
N ARG B 423 28.09 7.73 34.93
CA ARG B 423 28.70 7.68 36.27
C ARG B 423 29.83 8.72 36.43
N ASP B 424 30.59 8.94 35.36
CA ASP B 424 31.67 9.92 35.35
C ASP B 424 31.20 11.39 35.20
N GLY B 425 29.89 11.64 35.15
CA GLY B 425 29.34 13.00 35.20
C GLY B 425 28.66 13.53 33.95
N ALA B 426 28.62 12.73 32.89
CA ALA B 426 27.95 13.14 31.64
C ALA B 426 26.45 13.33 31.85
N ASP B 427 25.94 14.47 31.38
CA ASP B 427 24.52 14.76 31.47
C ASP B 427 23.81 14.15 30.24
N VAL B 428 23.73 12.81 30.24
CA VAL B 428 22.98 12.05 29.24
C VAL B 428 21.67 11.63 29.89
N ARG B 429 20.55 11.91 29.20
CA ARG B 429 19.22 11.74 29.79
C ARG B 429 18.34 10.67 29.13
N GLY B 430 18.86 9.99 28.10
CA GLY B 430 18.12 8.93 27.45
C GLY B 430 18.92 8.23 26.38
N TYR B 431 18.33 7.14 25.91
CA TYR B 431 18.92 6.25 24.90
C TYR B 431 17.82 5.65 24.03
N PHE B 432 17.99 5.73 22.72
CA PHE B 432 17.06 5.16 21.76
C PHE B 432 17.81 4.25 20.80
N ALA B 433 17.42 2.98 20.76
CA ALA B 433 17.97 2.03 19.81
C ALA B 433 17.40 2.23 18.40
N TRP B 434 18.28 2.35 17.41
CA TRP B 434 17.87 2.33 16.01
C TRP B 434 17.99 0.88 15.55
N SER B 435 16.89 0.16 15.26
CA SER B 435 15.51 0.65 15.25
C SER B 435 14.59 -0.43 15.80
N VAL B 436 13.34 -0.07 16.08
CA VAL B 436 12.35 -1.06 16.52
C VAL B 436 12.10 -2.11 15.43
N VAL B 437 12.10 -1.68 14.17
CA VAL B 437 11.85 -2.57 13.03
C VAL B 437 12.88 -2.36 11.92
N ASP B 438 13.16 -3.43 11.18
CA ASP B 438 13.87 -3.32 9.92
C ASP B 438 13.11 -2.33 9.04
N ASN B 439 13.81 -1.56 8.24
CA ASN B 439 13.17 -0.52 7.47
C ASN B 439 14.00 -0.09 6.24
N PHE B 440 13.55 0.95 5.55
CA PHE B 440 14.21 1.41 4.34
C PHE B 440 15.46 2.20 4.70
N GLU B 441 16.64 1.63 4.49
CA GLU B 441 17.89 2.28 4.86
C GLU B 441 18.48 3.08 3.68
N TRP B 442 17.70 4.07 3.24
CA TRP B 442 18.16 5.10 2.31
C TRP B 442 18.80 4.47 1.05
N LEU B 443 20.05 4.77 0.73
CA LEU B 443 20.67 4.25 -0.51
C LEU B 443 20.87 2.74 -0.51
N PHE B 444 20.88 2.12 0.67
CA PHE B 444 21.01 0.66 0.79
C PHE B 444 19.67 -0.06 0.60
N GLY B 445 18.57 0.70 0.57
CA GLY B 445 17.23 0.13 0.47
C GLY B 445 16.98 -0.79 1.65
N TYR B 446 16.43 -1.98 1.37
CA TYR B 446 16.10 -2.94 2.43
C TYR B 446 17.23 -3.93 2.68
N THR B 447 18.40 -3.71 2.08
CA THR B 447 19.52 -4.65 2.17
C THR B 447 20.23 -4.60 3.52
N LEU B 448 20.00 -3.54 4.31
CA LEU B 448 20.49 -3.48 5.68
C LEU B 448 19.32 -3.46 6.64
N ARG B 449 19.39 -4.34 7.64
CA ARG B 449 18.32 -4.58 8.59
C ARG B 449 18.83 -4.23 9.99
N PHE B 450 18.28 -3.15 10.54
CA PHE B 450 18.69 -2.59 11.83
C PHE B 450 17.74 -2.96 12.97
N GLY B 451 16.65 -3.66 12.67
CA GLY B 451 15.55 -3.81 13.61
C GLY B 451 15.81 -4.74 14.78
N LEU B 452 15.18 -4.42 15.90
CA LEU B 452 14.95 -5.40 16.97
C LEU B 452 13.92 -6.44 16.52
N TYR B 453 12.95 -6.00 15.72
CA TYR B 453 11.98 -6.88 15.05
C TYR B 453 12.32 -7.07 13.56
N TYR B 454 12.32 -8.33 13.14
CA TYR B 454 12.42 -8.70 11.73
C TYR B 454 11.09 -8.44 11.03
N ILE B 455 11.15 -7.87 9.82
CA ILE B 455 9.97 -7.65 8.98
C ILE B 455 10.06 -8.50 7.72
N ASP B 456 9.02 -9.30 7.47
CA ASP B 456 8.82 -9.95 6.18
C ASP B 456 8.05 -8.94 5.34
N TYR B 457 8.70 -8.33 4.36
CA TYR B 457 8.07 -7.27 3.57
C TYR B 457 6.94 -7.76 2.65
N ARG B 458 6.90 -9.05 2.36
CA ARG B 458 5.78 -9.62 1.60
C ARG B 458 4.48 -9.63 2.43
N THR B 459 4.56 -10.10 3.67
CA THR B 459 3.38 -10.26 4.52
C THR B 459 3.21 -9.15 5.55
N GLN B 460 4.26 -8.35 5.73
CA GLN B 460 4.37 -7.33 6.79
C GLN B 460 4.40 -7.89 8.22
N GLU B 461 4.61 -9.20 8.38
CA GLU B 461 4.70 -9.82 9.70
C GLU B 461 5.94 -9.30 10.44
N ARG B 462 5.74 -8.93 11.71
CA ARG B 462 6.81 -8.58 12.64
C ARG B 462 7.15 -9.81 13.46
N SER B 463 8.43 -10.16 13.55
CA SER B 463 8.89 -11.23 14.44
C SER B 463 10.04 -10.73 15.29
N PRO B 464 9.99 -10.95 16.63
CA PRO B 464 11.09 -10.48 17.46
C PRO B 464 12.38 -11.22 17.19
N LYS B 465 13.49 -10.49 17.03
CA LYS B 465 14.80 -11.09 16.97
C LYS B 465 15.26 -11.34 18.40
N LEU B 466 16.37 -12.07 18.55
CA LEU B 466 16.90 -12.30 19.91
C LEU B 466 17.17 -10.98 20.64
N SER B 467 17.60 -9.95 19.92
CA SER B 467 17.84 -8.64 20.52
C SER B 467 16.61 -7.98 21.16
N ALA B 468 15.42 -8.25 20.59
CA ALA B 468 14.18 -7.73 21.15
C ALA B 468 13.95 -8.34 22.55
N LEU B 469 14.14 -9.64 22.66
CA LEU B 469 14.07 -10.34 23.94
C LEU B 469 15.13 -9.82 24.93
N TRP B 470 16.34 -9.59 24.43
CA TRP B 470 17.42 -9.05 25.26
C TRP B 470 17.06 -7.66 25.79
N TYR B 471 16.56 -6.79 24.91
CA TYR B 471 16.26 -5.40 25.30
C TYR B 471 15.10 -5.39 26.30
N LYS B 472 14.11 -6.25 26.09
CA LYS B 472 13.03 -6.43 27.04
C LYS B 472 13.56 -6.79 28.42
N GLU B 473 14.45 -7.78 28.47
CA GLU B 473 15.01 -8.21 29.76
C GLU B 473 15.86 -7.09 30.39
N PHE B 474 16.62 -6.39 29.57
CA PHE B 474 17.38 -5.22 30.01
C PHE B 474 16.46 -4.18 30.66
N LEU B 475 15.34 -3.90 30.01
CA LEU B 475 14.40 -2.86 30.48
C LEU B 475 13.46 -3.32 31.60
N GLN B 476 13.14 -4.62 31.67
CA GLN B 476 12.26 -5.17 32.71
C GLN B 476 12.90 -5.12 34.08
N ASN B 477 14.22 -5.38 34.11
CA ASN B 477 15.06 -5.13 35.27
C ASN B 477 14.64 -5.96 36.48
O1 MES C . -17.36 -18.52 -15.10
C2 MES C . -18.44 -19.06 -14.34
C3 MES C . -18.54 -20.55 -14.59
N4 MES C . -17.23 -21.18 -15.02
C5 MES C . -16.02 -20.48 -14.54
C6 MES C . -16.10 -18.96 -14.62
C7 MES C . -17.26 -22.63 -14.68
C8 MES C . -15.96 -23.42 -14.50
S MES C . -16.53 -24.83 -13.82
O1S MES C . -16.64 -24.85 -12.34
O2S MES C . -16.75 -26.04 -14.65
O3S MES C . -15.18 -25.42 -13.67
C1 GOL D . -16.38 -13.37 -12.59
O1 GOL D . -17.25 -12.23 -12.50
C2 GOL D . -14.94 -12.95 -12.32
O2 GOL D . -14.79 -12.87 -10.89
C3 GOL D . -13.93 -13.95 -12.90
O3 GOL D . -14.34 -15.31 -12.70
C1 GOL E . -0.54 -7.15 1.29
O1 GOL E . -1.87 -7.16 0.79
C2 GOL E . -0.46 -7.45 2.78
O2 GOL E . -1.38 -6.59 3.48
C3 GOL E . 0.96 -7.32 3.33
O3 GOL E . 1.82 -6.59 2.43
C1 GOL F . -17.60 -18.76 5.02
O1 GOL F . -16.74 -19.09 3.95
C2 GOL F . -19.02 -19.23 4.69
O2 GOL F . -19.82 -18.03 4.64
C3 GOL F . -19.61 -20.28 5.65
O3 GOL F . -19.53 -19.93 7.04
C1 GOL G . -6.77 -25.68 -15.66
O1 GOL G . -6.91 -26.75 -14.72
C2 GOL G . -5.43 -24.95 -15.51
O2 GOL G . -4.35 -25.80 -15.93
C3 GOL G . -5.15 -24.45 -14.08
O3 GOL G . -6.09 -24.92 -13.07
C1 GOL H . 0.18 -16.47 -4.04
O1 GOL H . 1.20 -17.38 -3.62
C2 GOL H . 0.43 -15.10 -3.41
O2 GOL H . 0.03 -15.07 -2.04
C3 GOL H . -0.41 -14.02 -4.11
O3 GOL H . -0.03 -12.71 -3.67
C1 GOL I . 1.46 -0.07 -22.39
O1 GOL I . 0.97 1.22 -22.02
C2 GOL I . 2.95 -0.10 -22.04
O2 GOL I . 3.71 -0.53 -23.17
C3 GOL I . 3.16 -1.08 -20.91
O3 GOL I . 2.44 -0.69 -19.73
C1 GOL J . -25.02 -12.89 -4.50
O1 GOL J . -25.17 -14.14 -5.18
C2 GOL J . -23.61 -12.32 -4.71
O2 GOL J . -22.65 -13.20 -4.12
C3 GOL J . -23.36 -12.17 -6.20
O3 GOL J . -22.18 -11.41 -6.42
C1 GOL K . -41.78 -12.23 -0.10
O1 GOL K . -40.65 -12.11 -0.94
C2 GOL K . -42.13 -13.70 0.12
O2 GOL K . -42.13 -14.46 -1.09
C3 GOL K . -43.50 -13.81 0.78
O3 GOL K . -43.31 -14.14 2.15
ZN ZN L . -1.30 -1.30 4.57
O1 MES M . 25.42 7.04 8.96
C2 MES M . 25.07 5.91 8.16
C3 MES M . 26.30 5.42 7.40
N4 MES M . 26.88 6.51 6.57
C5 MES M . 27.15 7.70 7.42
C6 MES M . 25.89 8.13 8.16
C7 MES M . 28.13 6.07 5.92
C8 MES M . 27.85 4.93 4.92
S MES M . 28.71 5.12 3.50
O1S MES M . 28.45 3.98 2.60
O2S MES M . 28.22 6.38 2.89
O3S MES M . 30.17 5.19 3.78
C1 GOL N . -4.11 5.26 9.03
O1 GOL N . -3.82 4.05 9.74
C2 GOL N . -4.67 6.24 10.05
O2 GOL N . -5.96 5.78 10.47
C3 GOL N . -4.76 7.63 9.42
O3 GOL N . -5.24 8.56 10.38
C1 GOL O . 19.45 5.56 9.90
O1 GOL O . 20.48 5.81 8.92
C2 GOL O . 18.81 6.88 10.34
O2 GOL O . 17.94 7.38 9.33
C3 GOL O . 19.87 7.98 10.58
O3 GOL O . 19.32 9.09 11.31
C1 GOL P . 18.21 17.02 7.93
O1 GOL P . 17.31 16.00 8.37
C2 GOL P . 17.59 17.88 6.83
O2 GOL P . 17.44 17.13 5.61
C3 GOL P . 18.47 19.11 6.61
O3 GOL P . 19.80 18.75 6.21
C1 GOL Q . 4.87 24.62 -8.01
O1 GOL Q . 6.15 24.06 -7.72
C2 GOL Q . 4.55 24.43 -9.49
O2 GOL Q . 4.86 23.10 -9.92
C3 GOL Q . 3.08 24.70 -9.76
O3 GOL Q . 2.26 23.87 -8.93
C1 GOL R . 9.25 -9.24 23.22
O1 GOL R . 8.12 -8.50 23.70
C2 GOL R . 8.83 -10.57 22.61
O2 GOL R . 8.74 -11.56 23.64
C3 GOL R . 7.48 -10.49 21.89
O3 GOL R . 7.40 -9.34 21.05
#